data_5Y5P
#
_entry.id   5Y5P
#
_cell.length_a   88.129
_cell.length_b   57.266
_cell.length_c   110.795
_cell.angle_alpha   90.00
_cell.angle_beta   95.67
_cell.angle_gamma   90.00
#
_symmetry.space_group_name_H-M   'P 1 21 1'
#
loop_
_entity.id
_entity.type
_entity.pdbx_description
1 polymer Wsv112
2 non-polymer "2'-DEOXYURIDINE"
3 non-polymer 'PYROPHOSPHATE 2-'
4 non-polymer 'MAGNESIUM ION'
5 water water
#
_entity_poly.entity_id   1
_entity_poly.type   'polypeptide(L)'
_entity_poly.pdbx_seq_one_letter_code
;SNAMDSSASVVFMRFAPPGEETALPPRRATPGSVAYDLFPSEEMDIEPMGLAKISTGYGIDKFPDGCYGQIVSRSGMTWK
NNTSVPTGTIDVDYRGELKVILRNHSAEKSVPIRKGTSIAQLIFLRYCDVEEEQIVYINETTGERTIIDSSSKKDNKNQA
RSVRGTGGFGSTDN
;
_entity_poly.pdbx_strand_id   A,B,C,D,E,F
#
# COMPACT_ATOMS: atom_id res chain seq x y z
N ASP A 5 -33.70 -11.55 14.29
CA ASP A 5 -33.31 -11.89 12.92
C ASP A 5 -32.41 -10.81 12.38
N SER A 6 -31.16 -11.16 12.08
CA SER A 6 -30.11 -10.25 11.61
C SER A 6 -30.45 -9.50 10.31
N SER A 7 -31.38 -10.05 9.49
CA SER A 7 -31.71 -9.44 8.20
C SER A 7 -32.36 -8.05 8.31
N ALA A 8 -33.11 -7.77 9.39
CA ALA A 8 -33.79 -6.48 9.56
C ALA A 8 -33.66 -5.98 10.98
N SER A 9 -32.49 -6.20 11.58
CA SER A 9 -32.24 -5.74 12.94
C SER A 9 -30.96 -4.96 13.08
N VAL A 10 -30.91 -4.05 14.05
CA VAL A 10 -29.75 -3.21 14.33
C VAL A 10 -29.47 -3.16 15.80
N VAL A 11 -28.20 -3.11 16.17
CA VAL A 11 -27.85 -2.96 17.59
C VAL A 11 -26.98 -1.73 17.69
N PHE A 12 -27.45 -0.71 18.43
CA PHE A 12 -26.65 0.49 18.67
C PHE A 12 -25.92 0.25 19.99
N MET A 13 -24.67 0.72 20.11
CA MET A 13 -23.93 0.63 21.37
C MET A 13 -23.76 2.02 21.97
N ARG A 14 -24.16 2.18 23.23
CA ARG A 14 -24.09 3.42 24.00
C ARG A 14 -22.69 3.50 24.62
N PHE A 15 -21.97 4.59 24.37
CA PHE A 15 -20.61 4.74 24.91
C PHE A 15 -20.55 5.17 26.37
N ALA A 16 -21.53 5.96 26.85
CA ALA A 16 -21.52 6.40 28.24
C ALA A 16 -22.01 5.27 29.17
N PRO A 17 -21.37 5.07 30.35
CA PRO A 17 -21.88 4.07 31.32
C PRO A 17 -23.36 4.29 31.69
N PRO A 18 -24.12 3.22 32.08
CA PRO A 18 -25.56 3.41 32.37
C PRO A 18 -25.93 4.49 33.38
N GLY A 19 -25.08 4.74 34.38
CA GLY A 19 -25.37 5.79 35.36
C GLY A 19 -24.73 7.12 34.99
N GLU A 20 -24.92 7.56 33.73
CA GLU A 20 -24.32 8.79 33.20
C GLU A 20 -25.21 9.47 32.18
N GLU A 21 -25.15 10.81 32.09
CA GLU A 21 -25.94 11.58 31.14
C GLU A 21 -25.31 11.49 29.77
N THR A 22 -26.15 11.32 28.72
CA THR A 22 -25.67 11.22 27.34
C THR A 22 -26.70 11.78 26.31
N ALA A 23 -26.34 11.68 25.04
CA ALA A 23 -27.19 12.10 23.94
C ALA A 23 -28.45 11.25 23.89
N LEU A 24 -29.49 11.82 23.32
CA LEU A 24 -30.75 11.14 23.05
C LEU A 24 -30.43 9.97 22.09
N PRO A 25 -31.09 8.80 22.26
CA PRO A 25 -30.73 7.66 21.42
C PRO A 25 -31.15 7.81 19.96
N PRO A 26 -30.46 7.19 18.97
CA PRO A 26 -30.95 7.31 17.59
C PRO A 26 -32.37 6.76 17.51
N ARG A 27 -33.24 7.46 16.79
CA ARG A 27 -34.63 7.02 16.64
C ARG A 27 -35.24 7.56 15.37
N ARG A 28 -36.20 6.81 14.82
CA ARG A 28 -36.94 7.13 13.59
C ARG A 28 -38.12 7.97 14.01
N ALA A 29 -38.24 9.17 13.43
CA ALA A 29 -39.27 10.13 13.79
C ALA A 29 -40.71 9.71 13.45
N THR A 30 -40.94 9.09 12.26
CA THR A 30 -42.27 8.69 11.78
C THR A 30 -42.27 7.23 11.30
N PRO A 31 -43.43 6.60 11.04
CA PRO A 31 -43.41 5.21 10.53
C PRO A 31 -42.83 5.05 9.12
N GLY A 32 -42.82 6.15 8.33
CA GLY A 32 -42.29 6.17 6.96
C GLY A 32 -40.88 6.71 6.88
N SER A 33 -40.32 7.16 8.03
CA SER A 33 -38.93 7.67 8.10
C SER A 33 -37.97 6.56 7.67
N VAL A 34 -37.06 6.88 6.75
CA VAL A 34 -36.09 5.90 6.24
C VAL A 34 -34.80 5.94 7.06
N ALA A 35 -34.63 6.95 7.90
CA ALA A 35 -33.39 7.15 8.65
C ALA A 35 -33.63 7.44 10.13
N TYR A 36 -32.59 7.20 10.94
CA TYR A 36 -32.58 7.43 12.40
C TYR A 36 -32.03 8.81 12.64
N ASP A 37 -32.75 9.64 13.39
CA ASP A 37 -32.34 10.98 13.79
C ASP A 37 -31.17 10.79 14.79
N LEU A 38 -30.05 11.50 14.57
CA LEU A 38 -28.90 11.47 15.45
C LEU A 38 -28.90 12.74 16.29
N PHE A 39 -28.44 12.66 17.54
CA PHE A 39 -28.41 13.82 18.45
C PHE A 39 -27.02 14.09 18.96
N PRO A 40 -26.69 15.32 19.39
CA PRO A 40 -25.34 15.56 19.92
C PRO A 40 -25.23 15.20 21.41
N SER A 41 -24.06 14.69 21.81
CA SER A 41 -23.82 14.36 23.21
C SER A 41 -23.44 15.62 24.01
N GLU A 42 -22.84 16.64 23.33
CA GLU A 42 -22.49 17.90 23.96
C GLU A 42 -22.93 19.10 23.09
N GLU A 43 -23.01 20.27 23.71
CA GLU A 43 -23.45 21.49 23.04
C GLU A 43 -22.34 22.38 22.57
N MET A 44 -22.58 23.07 21.44
CA MET A 44 -21.58 23.95 20.85
C MET A 44 -22.24 24.90 19.86
N ASP A 45 -21.47 25.88 19.38
CA ASP A 45 -21.89 26.83 18.37
C ASP A 45 -20.85 26.79 17.26
N ILE A 46 -21.27 26.39 16.05
CA ILE A 46 -20.34 26.32 14.92
C ILE A 46 -20.14 27.72 14.38
N GLU A 47 -18.91 28.23 14.42
CA GLU A 47 -18.60 29.59 13.98
C GLU A 47 -18.88 29.78 12.47
N PRO A 48 -19.13 31.03 11.95
CA PRO A 48 -19.33 31.21 10.49
C PRO A 48 -18.21 30.53 9.69
N MET A 49 -18.58 29.87 8.57
CA MET A 49 -17.71 29.11 7.65
C MET A 49 -16.99 27.93 8.34
N GLY A 50 -17.39 27.61 9.58
CA GLY A 50 -16.77 26.55 10.37
C GLY A 50 -17.16 25.12 10.01
N LEU A 51 -16.38 24.18 10.51
CA LEU A 51 -16.57 22.75 10.33
C LEU A 51 -16.46 22.11 11.72
N ALA A 52 -17.46 21.29 12.10
CA ALA A 52 -17.43 20.64 13.42
C ALA A 52 -17.53 19.14 13.31
N LYS A 53 -16.94 18.44 14.30
CA LYS A 53 -16.99 16.98 14.42
C LYS A 53 -17.75 16.75 15.72
N ILE A 54 -19.00 16.33 15.60
CA ILE A 54 -19.88 16.21 16.75
C ILE A 54 -20.09 14.78 17.19
N SER A 55 -19.83 14.52 18.48
CA SER A 55 -20.08 13.21 19.08
C SER A 55 -21.57 12.96 19.22
N THR A 56 -22.01 11.73 18.90
CA THR A 56 -23.42 11.36 18.95
C THR A 56 -23.75 10.52 20.21
N GLY A 57 -22.74 9.96 20.85
CA GLY A 57 -22.89 9.11 22.03
C GLY A 57 -23.08 7.64 21.73
N TYR A 58 -23.23 7.29 20.43
CA TYR A 58 -23.50 5.91 20.02
C TYR A 58 -22.63 5.42 18.88
N GLY A 59 -22.42 4.12 18.86
CA GLY A 59 -21.77 3.41 17.76
C GLY A 59 -22.76 2.40 17.24
N ILE A 60 -22.37 1.64 16.21
CA ILE A 60 -23.20 0.57 15.70
C ILE A 60 -22.53 -0.74 16.05
N ASP A 61 -23.13 -1.52 16.94
CA ASP A 61 -22.59 -2.82 17.30
C ASP A 61 -22.87 -3.84 16.19
N LYS A 62 -24.09 -3.81 15.62
CA LYS A 62 -24.51 -4.77 14.60
C LYS A 62 -25.32 -4.05 13.54
N PHE A 63 -24.92 -4.21 12.28
CA PHE A 63 -25.59 -3.63 11.13
C PHE A 63 -26.60 -4.65 10.59
N PRO A 64 -27.71 -4.20 9.94
CA PRO A 64 -28.61 -5.17 9.29
C PRO A 64 -27.83 -5.86 8.14
N ASP A 65 -28.09 -7.14 7.86
CA ASP A 65 -27.38 -7.91 6.81
C ASP A 65 -27.29 -7.20 5.46
N GLY A 66 -26.07 -7.13 4.92
CA GLY A 66 -25.82 -6.50 3.63
C GLY A 66 -25.97 -4.99 3.59
N CYS A 67 -26.02 -4.36 4.76
CA CYS A 67 -26.17 -2.89 4.87
C CYS A 67 -24.98 -2.26 5.59
N TYR A 68 -24.75 -0.98 5.31
CA TYR A 68 -23.77 -0.18 6.05
C TYR A 68 -24.57 1.07 6.50
N GLY A 69 -23.95 1.93 7.30
CA GLY A 69 -24.57 3.15 7.78
C GLY A 69 -24.06 4.35 7.01
N GLN A 70 -25.00 5.16 6.47
CA GLN A 70 -24.66 6.40 5.80
C GLN A 70 -25.30 7.57 6.57
N ILE A 71 -24.45 8.48 7.10
CA ILE A 71 -24.90 9.69 7.80
C ILE A 71 -25.16 10.71 6.68
N VAL A 72 -26.38 11.27 6.64
CA VAL A 72 -26.78 12.25 5.63
C VAL A 72 -27.35 13.45 6.36
N SER A 73 -27.45 14.56 5.67
CA SER A 73 -28.00 15.78 6.31
C SER A 73 -29.53 15.69 6.46
N ARG A 74 -30.07 16.43 7.45
CA ARG A 74 -31.49 16.64 7.69
C ARG A 74 -31.87 17.86 6.83
N SER A 75 -33.06 17.86 6.22
CA SER A 75 -33.45 18.95 5.32
C SER A 75 -33.68 20.28 6.03
N GLY A 76 -34.20 20.21 7.28
CA GLY A 76 -34.46 21.39 8.12
C GLY A 76 -33.16 22.05 8.53
N MET A 77 -32.24 21.26 9.11
CA MET A 77 -30.90 21.72 9.51
C MET A 77 -30.15 22.33 8.30
N THR A 78 -30.23 21.69 7.12
CA THR A 78 -29.57 22.19 5.90
C THR A 78 -30.13 23.55 5.48
N TRP A 79 -31.45 23.64 5.32
CA TRP A 79 -32.15 24.82 4.82
C TRP A 79 -32.24 25.96 5.82
N LYS A 80 -32.66 25.67 7.06
CA LYS A 80 -32.83 26.72 8.07
C LYS A 80 -31.50 27.24 8.61
N ASN A 81 -30.48 26.38 8.71
CA ASN A 81 -29.19 26.81 9.26
C ASN A 81 -28.07 26.93 8.27
N ASN A 82 -28.36 26.76 6.95
CA ASN A 82 -27.35 26.91 5.88
C ASN A 82 -26.11 26.01 6.13
N THR A 83 -26.38 24.71 6.30
CA THR A 83 -25.35 23.71 6.59
C THR A 83 -25.31 22.62 5.54
N SER A 84 -24.37 21.68 5.74
CA SER A 84 -24.22 20.44 4.95
C SER A 84 -23.53 19.43 5.85
N VAL A 85 -23.67 18.13 5.51
CA VAL A 85 -23.01 17.03 6.22
C VAL A 85 -22.10 16.47 5.11
N PRO A 86 -20.85 16.98 4.97
CA PRO A 86 -20.02 16.62 3.79
C PRO A 86 -19.41 15.22 3.73
N THR A 87 -19.58 14.42 4.77
CA THR A 87 -19.09 13.03 4.77
C THR A 87 -19.99 12.23 5.72
N GLY A 88 -20.02 10.90 5.59
CA GLY A 88 -20.81 10.10 6.51
C GLY A 88 -20.85 8.61 6.27
N THR A 89 -19.81 8.06 5.61
CA THR A 89 -19.74 6.62 5.30
C THR A 89 -19.20 5.81 6.46
N ILE A 90 -20.07 4.99 7.09
CA ILE A 90 -19.66 4.17 8.28
C ILE A 90 -19.37 2.76 7.84
N ASP A 91 -18.11 2.32 8.02
CA ASP A 91 -17.64 0.98 7.69
C ASP A 91 -18.21 -0.04 8.65
N VAL A 92 -18.48 -1.27 8.17
CA VAL A 92 -19.12 -2.32 8.99
C VAL A 92 -18.18 -2.93 10.02
N ASP A 93 -16.91 -2.57 10.02
CA ASP A 93 -15.95 -3.05 11.03
C ASP A 93 -15.62 -1.92 12.03
N TYR A 94 -16.27 -0.74 11.88
CA TYR A 94 -16.01 0.37 12.79
C TYR A 94 -16.62 0.10 14.17
N ARG A 95 -15.78 0.13 15.20
CA ARG A 95 -16.21 -0.11 16.59
C ARG A 95 -16.24 1.17 17.44
N GLY A 96 -16.00 2.32 16.81
CA GLY A 96 -16.00 3.57 17.55
C GLY A 96 -17.35 4.25 17.61
N GLU A 97 -17.34 5.45 18.15
CA GLU A 97 -18.52 6.28 18.28
C GLU A 97 -18.77 7.05 17.00
N LEU A 98 -20.06 7.13 16.57
CA LEU A 98 -20.41 7.90 15.37
C LEU A 98 -20.22 9.37 15.65
N LYS A 99 -19.63 10.08 14.69
CA LYS A 99 -19.42 11.52 14.80
C LYS A 99 -19.98 12.13 13.57
N VAL A 100 -20.70 13.23 13.74
CA VAL A 100 -21.33 13.95 12.63
C VAL A 100 -20.42 15.11 12.24
N ILE A 101 -20.12 15.23 10.94
CA ILE A 101 -19.31 16.34 10.41
C ILE A 101 -20.28 17.33 9.83
N LEU A 102 -20.38 18.49 10.44
CA LEU A 102 -21.32 19.51 10.00
C LEU A 102 -20.59 20.78 9.62
N ARG A 103 -20.84 21.28 8.37
CA ARG A 103 -20.25 22.50 7.82
C ARG A 103 -21.27 23.63 7.88
N ASN A 104 -20.84 24.80 8.32
CA ASN A 104 -21.63 26.02 8.35
C ASN A 104 -21.24 26.81 7.10
N HIS A 105 -22.18 27.08 6.20
CA HIS A 105 -21.91 27.83 4.95
C HIS A 105 -22.23 29.31 5.10
N SER A 106 -22.72 29.73 6.29
CA SER A 106 -23.06 31.14 6.55
C SER A 106 -21.81 31.93 6.88
N ALA A 107 -21.68 33.15 6.31
CA ALA A 107 -20.54 34.02 6.56
C ALA A 107 -20.78 34.90 7.81
N GLU A 108 -22.03 34.98 8.28
CA GLU A 108 -22.40 35.87 9.37
C GLU A 108 -22.97 35.20 10.61
N LYS A 109 -23.60 34.03 10.47
CA LYS A 109 -24.28 33.38 11.59
C LYS A 109 -23.60 32.10 12.06
N SER A 110 -23.62 31.87 13.38
CA SER A 110 -23.10 30.62 13.96
C SER A 110 -24.26 29.58 14.00
N VAL A 111 -23.93 28.28 14.00
CA VAL A 111 -24.94 27.22 14.02
C VAL A 111 -25.07 26.70 15.47
N PRO A 112 -26.28 26.72 16.06
CA PRO A 112 -26.41 26.20 17.43
C PRO A 112 -26.55 24.66 17.44
N ILE A 113 -25.73 23.97 18.23
CA ILE A 113 -25.78 22.52 18.40
C ILE A 113 -26.29 22.31 19.82
N ARG A 114 -27.47 21.72 19.94
CA ARG A 114 -28.17 21.55 21.22
C ARG A 114 -28.64 20.12 21.44
N LYS A 115 -28.58 19.65 22.69
CA LYS A 115 -28.91 18.27 23.08
C LYS A 115 -30.29 17.73 22.61
N GLY A 116 -31.33 18.53 22.64
CA GLY A 116 -32.63 18.01 22.22
C GLY A 116 -32.94 18.09 20.73
N THR A 117 -32.02 18.66 19.91
CA THR A 117 -32.25 18.86 18.48
C THR A 117 -31.28 18.02 17.63
N SER A 118 -31.86 17.22 16.72
CA SER A 118 -31.20 16.31 15.78
C SER A 118 -30.31 17.10 14.80
N ILE A 119 -29.10 16.60 14.58
CA ILE A 119 -28.09 17.28 13.77
C ILE A 119 -27.88 16.62 12.39
N ALA A 120 -28.24 15.32 12.27
CA ALA A 120 -28.16 14.52 11.06
C ALA A 120 -29.05 13.26 11.16
N GLN A 121 -29.11 12.46 10.10
CA GLN A 121 -29.89 11.23 10.12
C GLN A 121 -29.04 10.12 9.54
N LEU A 122 -29.25 8.90 9.99
CA LEU A 122 -28.44 7.75 9.56
C LEU A 122 -29.37 6.75 8.85
N ILE A 123 -29.01 6.35 7.63
CA ILE A 123 -29.75 5.40 6.82
C ILE A 123 -28.93 4.13 6.70
N PHE A 124 -29.59 2.96 6.74
CA PHE A 124 -28.95 1.65 6.51
C PHE A 124 -29.18 1.30 5.04
N LEU A 125 -28.15 1.53 4.22
CA LEU A 125 -28.25 1.34 2.79
C LEU A 125 -27.71 -0.01 2.42
N ARG A 126 -28.29 -0.64 1.39
CA ARG A 126 -27.83 -1.93 0.88
C ARG A 126 -26.68 -1.67 -0.08
N TYR A 127 -25.58 -2.40 0.11
CA TYR A 127 -24.39 -2.22 -0.74
C TYR A 127 -23.82 -3.59 -1.08
N CYS A 128 -22.90 -3.63 -2.03
CA CYS A 128 -22.25 -4.90 -2.36
C CYS A 128 -20.91 -4.94 -1.70
N ASP A 129 -20.72 -5.96 -0.85
CA ASP A 129 -19.46 -6.25 -0.19
C ASP A 129 -18.77 -7.19 -1.18
N VAL A 130 -17.92 -6.63 -2.04
CA VAL A 130 -17.29 -7.38 -3.13
C VAL A 130 -16.50 -8.61 -2.61
N GLU A 131 -16.72 -9.77 -3.23
CA GLU A 131 -16.06 -11.02 -2.85
C GLU A 131 -14.92 -11.34 -3.78
N GLU A 132 -15.08 -11.01 -5.06
CA GLU A 132 -14.11 -11.31 -6.11
C GLU A 132 -13.92 -10.11 -6.98
N GLU A 133 -12.68 -9.78 -7.27
CA GLU A 133 -12.42 -8.64 -8.11
C GLU A 133 -11.30 -8.92 -9.08
N GLN A 134 -11.34 -8.23 -10.21
CA GLN A 134 -10.28 -8.26 -11.18
C GLN A 134 -9.96 -6.84 -11.63
N ILE A 135 -8.71 -6.62 -11.99
CA ILE A 135 -8.27 -5.39 -12.62
C ILE A 135 -7.82 -5.88 -13.98
N VAL A 136 -8.43 -5.31 -15.03
CA VAL A 136 -8.11 -5.71 -16.39
C VAL A 136 -7.68 -4.49 -17.22
N TYR A 137 -6.93 -4.77 -18.27
CA TYR A 137 -6.59 -3.76 -19.25
C TYR A 137 -7.31 -4.22 -20.52
N ILE A 138 -8.16 -3.34 -21.06
CA ILE A 138 -8.96 -3.63 -22.24
C ILE A 138 -8.42 -2.89 -23.41
N ASN A 139 -8.00 -3.70 -24.40
CA ASN A 139 -7.57 -3.21 -25.69
C ASN A 139 -8.78 -3.45 -26.65
N GLU A 140 -9.57 -2.40 -26.87
CA GLU A 140 -10.72 -2.47 -27.75
C GLU A 140 -10.33 -2.67 -29.22
N THR A 141 -9.12 -2.22 -29.62
CA THR A 141 -8.65 -2.35 -31.02
C THR A 141 -8.29 -3.82 -31.35
N THR A 142 -7.64 -4.51 -30.40
CA THR A 142 -7.20 -5.92 -30.55
C THR A 142 -8.26 -6.92 -30.03
N GLY A 143 -9.31 -6.41 -29.38
CA GLY A 143 -10.37 -7.24 -28.81
C GLY A 143 -9.83 -8.12 -27.70
N GLU A 144 -8.74 -7.69 -27.04
CA GLU A 144 -8.06 -8.46 -26.01
C GLU A 144 -8.29 -7.90 -24.62
N ARG A 145 -8.12 -8.75 -23.66
CA ARG A 145 -8.37 -8.43 -22.27
C ARG A 145 -7.25 -9.04 -21.45
N THR A 146 -6.39 -8.17 -20.89
CA THR A 146 -5.25 -8.58 -20.08
C THR A 146 -5.61 -8.44 -18.61
N ILE A 147 -5.56 -9.54 -17.86
CA ILE A 147 -5.84 -9.51 -16.43
C ILE A 147 -4.57 -8.98 -15.74
N ILE A 148 -4.67 -7.80 -15.10
CA ILE A 148 -3.54 -7.18 -14.40
C ILE A 148 -3.43 -7.85 -13.03
N ASP A 149 -4.57 -8.04 -12.36
CA ASP A 149 -4.61 -8.62 -11.03
C ASP A 149 -5.99 -9.14 -10.76
N SER A 150 -6.10 -10.02 -9.79
CA SER A 150 -7.36 -10.61 -9.35
C SER A 150 -7.20 -10.96 -7.88
N SER A 151 -8.24 -10.71 -7.10
CA SER A 151 -8.20 -11.07 -5.70
C SER A 151 -9.58 -11.41 -5.15
N SER A 152 -9.58 -12.20 -4.11
CA SER A 152 -10.76 -12.58 -3.35
C SER A 152 -10.73 -11.71 -2.09
N LYS A 153 -11.88 -11.57 -1.42
CA LYS A 153 -11.92 -10.75 -0.21
C LYS A 153 -10.84 -11.17 0.84
N LYS A 154 -10.64 -12.48 1.02
CA LYS A 154 -9.74 -13.07 2.00
C LYS A 154 -8.23 -12.92 1.66
N ASP A 155 -7.92 -12.38 0.47
CA ASP A 155 -6.55 -12.07 0.09
C ASP A 155 -6.07 -10.77 0.76
N ASN A 156 -7.00 -9.91 1.26
CA ASN A 156 -6.64 -8.66 1.96
C ASN A 156 -5.68 -7.82 1.11
N LYS A 157 -6.02 -7.72 -0.18
CA LYS A 157 -5.21 -7.03 -1.19
C LYS A 157 -5.03 -5.57 -0.81
N ASN A 158 -3.77 -5.08 -0.83
CA ASN A 158 -3.46 -3.66 -0.57
C ASN A 158 -4.16 -3.07 0.64
N GLN A 159 -4.22 -3.82 1.75
CA GLN A 159 -4.91 -3.31 2.91
C GLN A 159 -4.00 -2.46 3.77
N ALA A 160 -4.63 -1.55 4.52
CA ALA A 160 -3.91 -0.64 5.40
C ALA A 160 -3.62 -1.35 6.71
N ARG A 161 -4.62 -2.12 7.24
CA ARG A 161 -4.45 -2.87 8.50
C ARG A 161 -5.56 -3.88 8.63
N SER A 162 -5.36 -4.90 9.49
CA SER A 162 -6.32 -6.00 9.68
C SER A 162 -7.53 -5.66 10.52
N VAL A 163 -7.37 -4.79 11.50
CA VAL A 163 -8.44 -4.46 12.41
C VAL A 163 -8.70 -2.97 12.41
N ARG A 164 -9.93 -2.55 11.99
CA ARG A 164 -10.26 -1.10 11.98
C ARG A 164 -10.30 -0.57 13.40
N GLY A 165 -10.96 -1.32 14.28
CA GLY A 165 -11.11 -0.97 15.68
C GLY A 165 -11.93 0.31 15.77
N THR A 166 -11.46 1.28 16.54
CA THR A 166 -12.15 2.55 16.75
C THR A 166 -11.58 3.65 15.84
N GLY A 167 -10.65 3.26 14.97
CA GLY A 167 -9.94 4.16 14.07
C GLY A 167 -10.82 4.64 12.92
N GLY A 168 -10.84 5.96 12.72
CA GLY A 168 -11.56 6.63 11.66
C GLY A 168 -10.89 7.93 11.30
N PHE A 169 -11.58 8.74 10.47
CA PHE A 169 -11.13 10.08 10.05
C PHE A 169 -9.70 10.11 9.52
N GLY A 170 -9.46 9.38 8.44
CA GLY A 170 -8.14 9.32 7.83
C GLY A 170 -7.15 8.44 8.57
N SER A 171 -7.62 7.51 9.41
CA SER A 171 -6.74 6.60 10.18
C SER A 171 -5.88 5.71 9.24
N THR A 172 -6.27 5.58 7.98
CA THR A 172 -5.53 4.76 7.00
C THR A 172 -4.60 5.62 6.14
N ASP A 173 -4.62 6.95 6.31
CA ASP A 173 -3.74 7.85 5.58
C ASP A 173 -2.44 8.01 6.35
N ASN A 174 -1.39 8.47 5.64
CA ASN A 174 -0.10 8.76 6.28
C ASN A 174 -0.02 10.23 6.67
N SER B 6 -20.87 -15.40 -9.81
CA SER B 6 -20.12 -14.16 -9.66
C SER B 6 -21.06 -12.91 -9.48
N SER B 7 -21.91 -12.93 -8.43
CA SER B 7 -22.88 -11.87 -8.09
C SER B 7 -22.23 -10.65 -7.39
N ALA B 8 -21.35 -10.92 -6.41
CA ALA B 8 -20.60 -9.98 -5.59
C ALA B 8 -19.21 -9.83 -6.19
N SER B 9 -19.16 -9.47 -7.47
CA SER B 9 -17.90 -9.32 -8.16
C SER B 9 -17.83 -8.01 -8.94
N VAL B 10 -16.64 -7.50 -9.10
CA VAL B 10 -16.40 -6.25 -9.84
C VAL B 10 -15.18 -6.42 -10.76
N VAL B 11 -15.22 -5.74 -11.90
CA VAL B 11 -14.07 -5.70 -12.77
C VAL B 11 -13.74 -4.22 -12.95
N PHE B 12 -12.52 -3.82 -12.54
CA PHE B 12 -12.05 -2.45 -12.74
C PHE B 12 -11.22 -2.50 -14.01
N MET B 13 -11.26 -1.44 -14.80
CA MET B 13 -10.44 -1.37 -16.01
C MET B 13 -9.39 -0.27 -15.78
N ARG B 14 -8.13 -0.63 -15.93
CA ARG B 14 -7.00 0.27 -15.78
C ARG B 14 -6.78 0.92 -17.15
N PHE B 15 -6.78 2.25 -17.24
CA PHE B 15 -6.65 2.96 -18.52
C PHE B 15 -5.22 2.95 -19.06
N ALA B 16 -4.21 2.85 -18.18
CA ALA B 16 -2.84 2.77 -18.66
C ALA B 16 -2.46 1.33 -19.10
N PRO B 17 -1.74 1.17 -20.23
CA PRO B 17 -1.28 -0.18 -20.64
C PRO B 17 -0.42 -0.87 -19.56
N PRO B 18 -0.36 -2.23 -19.52
CA PRO B 18 0.49 -2.89 -18.50
C PRO B 18 1.95 -2.46 -18.61
N GLY B 19 2.60 -2.30 -17.46
CA GLY B 19 4.00 -1.88 -17.43
C GLY B 19 4.21 -0.38 -17.39
N GLU B 20 3.19 0.42 -17.84
CA GLU B 20 3.21 1.87 -17.81
C GLU B 20 2.86 2.31 -16.38
N GLU B 21 3.39 3.48 -15.93
CA GLU B 21 3.13 4.05 -14.59
C GLU B 21 1.73 4.60 -14.51
N THR B 22 1.02 4.34 -13.40
CA THR B 22 -0.34 4.89 -13.23
C THR B 22 -0.69 5.11 -11.75
N ALA B 23 -1.94 5.49 -11.47
CA ALA B 23 -2.41 5.68 -10.13
C ALA B 23 -2.40 4.36 -9.38
N LEU B 24 -2.30 4.44 -8.07
CA LEU B 24 -2.41 3.25 -7.21
C LEU B 24 -3.83 2.68 -7.45
N PRO B 25 -3.97 1.33 -7.44
CA PRO B 25 -5.29 0.77 -7.75
C PRO B 25 -6.32 0.99 -6.64
N PRO B 26 -7.61 0.98 -6.97
CA PRO B 26 -8.64 1.07 -5.90
C PRO B 26 -8.41 -0.02 -4.87
N ARG B 27 -8.55 0.29 -3.58
CA ARG B 27 -8.29 -0.69 -2.52
C ARG B 27 -9.24 -0.54 -1.36
N ARG B 28 -9.45 -1.64 -0.63
CA ARG B 28 -10.28 -1.64 0.57
C ARG B 28 -9.31 -1.59 1.72
N ALA B 29 -9.37 -0.52 2.54
CA ALA B 29 -8.38 -0.26 3.60
C ALA B 29 -8.37 -1.31 4.71
N THR B 30 -9.54 -1.80 5.13
CA THR B 30 -9.66 -2.83 6.17
C THR B 30 -10.69 -3.89 5.72
N PRO B 31 -10.74 -5.11 6.37
CA PRO B 31 -11.68 -6.15 5.94
C PRO B 31 -13.15 -5.79 5.96
N GLY B 32 -13.56 -4.83 6.76
CA GLY B 32 -14.96 -4.41 6.82
C GLY B 32 -15.20 -3.06 6.14
N SER B 33 -14.18 -2.53 5.44
CA SER B 33 -14.34 -1.28 4.70
C SER B 33 -15.38 -1.49 3.60
N VAL B 34 -16.33 -0.56 3.47
CA VAL B 34 -17.44 -0.71 2.52
C VAL B 34 -17.13 -0.15 1.15
N ALA B 35 -16.05 0.61 1.05
CA ALA B 35 -15.72 1.31 -0.19
C ALA B 35 -14.28 1.17 -0.60
N TYR B 36 -14.03 1.38 -1.91
CA TYR B 36 -12.68 1.33 -2.44
C TYR B 36 -12.12 2.75 -2.47
N ASP B 37 -10.94 2.94 -1.91
CA ASP B 37 -10.19 4.20 -1.90
C ASP B 37 -9.67 4.46 -3.29
N LEU B 38 -9.94 5.65 -3.81
CA LEU B 38 -9.51 6.02 -5.17
C LEU B 38 -8.27 6.90 -5.01
N PHE B 39 -7.30 6.77 -5.92
CA PHE B 39 -6.06 7.53 -5.84
C PHE B 39 -5.90 8.39 -7.09
N PRO B 40 -5.21 9.53 -7.00
CA PRO B 40 -5.03 10.36 -8.20
C PRO B 40 -3.89 9.89 -9.12
N SER B 41 -4.10 10.02 -10.43
CA SER B 41 -3.04 9.65 -11.41
C SER B 41 -1.94 10.69 -11.40
N GLU B 42 -2.31 11.98 -11.19
CA GLU B 42 -1.39 13.10 -11.18
C GLU B 42 -1.57 13.94 -9.95
N GLU B 43 -0.51 14.64 -9.55
CA GLU B 43 -0.50 15.51 -8.38
C GLU B 43 -0.88 16.93 -8.77
N MET B 44 -1.46 17.68 -7.82
CA MET B 44 -1.89 19.07 -8.00
C MET B 44 -2.17 19.68 -6.63
N ASP B 45 -2.42 20.99 -6.61
CA ASP B 45 -2.78 21.72 -5.40
C ASP B 45 -4.05 22.47 -5.71
N ILE B 46 -5.13 22.17 -4.99
CA ILE B 46 -6.42 22.82 -5.24
C ILE B 46 -6.35 24.17 -4.56
N GLU B 47 -6.47 25.24 -5.34
CA GLU B 47 -6.43 26.61 -4.82
C GLU B 47 -7.57 26.88 -3.80
N PRO B 48 -7.43 27.88 -2.88
CA PRO B 48 -8.55 28.19 -1.97
C PRO B 48 -9.87 28.43 -2.74
N MET B 49 -10.98 27.89 -2.21
CA MET B 49 -12.34 27.95 -2.78
C MET B 49 -12.44 27.25 -4.15
N GLY B 50 -11.40 26.52 -4.53
CA GLY B 50 -11.35 25.82 -5.81
C GLY B 50 -12.16 24.55 -5.92
N LEU B 51 -12.36 24.11 -7.15
CA LEU B 51 -13.08 22.89 -7.50
C LEU B 51 -12.20 22.16 -8.52
N ALA B 52 -11.88 20.89 -8.22
CA ALA B 52 -11.01 20.11 -9.11
C ALA B 52 -11.68 18.85 -9.59
N LYS B 53 -11.31 18.43 -10.81
CA LYS B 53 -11.77 17.19 -11.43
C LYS B 53 -10.51 16.34 -11.57
N ILE B 54 -10.37 15.34 -10.71
CA ILE B 54 -9.16 14.53 -10.59
C ILE B 54 -9.30 13.15 -11.19
N SER B 55 -8.45 12.82 -12.17
CA SER B 55 -8.42 11.49 -12.81
C SER B 55 -7.85 10.48 -11.86
N THR B 56 -8.45 9.28 -11.82
CA THR B 56 -8.06 8.20 -10.89
C THR B 56 -7.30 7.06 -11.58
N GLY B 57 -7.31 7.02 -12.91
CA GLY B 57 -6.65 5.98 -13.69
C GLY B 57 -7.47 4.73 -13.97
N TYR B 58 -8.65 4.62 -13.36
CA TYR B 58 -9.50 3.44 -13.50
C TYR B 58 -10.94 3.75 -13.86
N GLY B 59 -11.58 2.80 -14.53
CA GLY B 59 -12.99 2.82 -14.83
C GLY B 59 -13.59 1.54 -14.29
N ILE B 60 -14.90 1.36 -14.44
CA ILE B 60 -15.55 0.14 -14.02
C ILE B 60 -16.00 -0.60 -15.28
N ASP B 61 -15.36 -1.76 -15.55
CA ASP B 61 -15.76 -2.60 -16.67
C ASP B 61 -17.05 -3.34 -16.37
N LYS B 62 -17.17 -3.88 -15.14
CA LYS B 62 -18.34 -4.65 -14.76
C LYS B 62 -18.71 -4.30 -13.32
N PHE B 63 -19.97 -3.93 -13.10
CA PHE B 63 -20.52 -3.58 -11.80
C PHE B 63 -21.07 -4.83 -11.15
N PRO B 64 -21.11 -4.93 -9.80
CA PRO B 64 -21.79 -6.07 -9.16
C PRO B 64 -23.29 -5.98 -9.54
N ASP B 65 -23.98 -7.11 -9.72
CA ASP B 65 -25.40 -7.16 -10.10
C ASP B 65 -26.29 -6.29 -9.23
N GLY B 66 -27.12 -5.48 -9.86
CA GLY B 66 -28.05 -4.58 -9.19
C GLY B 66 -27.45 -3.37 -8.50
N CYS B 67 -26.15 -3.11 -8.77
CA CYS B 67 -25.43 -2.00 -8.16
C CYS B 67 -24.95 -0.99 -9.16
N TYR B 68 -24.71 0.23 -8.67
CA TYR B 68 -24.06 1.27 -9.45
C TYR B 68 -22.90 1.77 -8.55
N GLY B 69 -22.07 2.65 -9.05
CA GLY B 69 -20.96 3.18 -8.27
C GLY B 69 -21.27 4.59 -7.82
N GLN B 70 -21.12 4.85 -6.51
CA GLN B 70 -21.27 6.19 -5.95
C GLN B 70 -19.94 6.59 -5.31
N ILE B 71 -19.32 7.67 -5.84
CA ILE B 71 -18.11 8.27 -5.28
C ILE B 71 -18.57 9.17 -4.16
N VAL B 72 -18.04 8.95 -2.96
CA VAL B 72 -18.36 9.73 -1.75
C VAL B 72 -17.06 10.19 -1.13
N SER B 73 -17.13 11.19 -0.24
CA SER B 73 -15.95 11.71 0.38
C SER B 73 -15.41 10.75 1.43
N ARG B 74 -14.09 10.87 1.72
CA ARG B 74 -13.43 10.16 2.82
C ARG B 74 -13.46 11.14 3.98
N SER B 75 -13.66 10.65 5.21
CA SER B 75 -13.78 11.53 6.39
C SER B 75 -12.50 12.30 6.72
N GLY B 76 -11.34 11.70 6.51
CA GLY B 76 -10.06 12.33 6.78
C GLY B 76 -9.80 13.50 5.84
N MET B 77 -9.92 13.29 4.55
CA MET B 77 -9.78 14.32 3.50
C MET B 77 -10.81 15.48 3.74
N THR B 78 -12.06 15.12 4.09
CA THR B 78 -13.09 16.12 4.39
C THR B 78 -12.69 17.00 5.61
N TRP B 79 -12.42 16.36 6.75
CA TRP B 79 -12.14 17.02 8.03
C TRP B 79 -10.76 17.68 8.09
N LYS B 80 -9.70 16.97 7.74
CA LYS B 80 -8.36 17.52 7.83
C LYS B 80 -8.08 18.58 6.75
N ASN B 81 -8.68 18.44 5.56
CA ASN B 81 -8.39 19.41 4.49
C ASN B 81 -9.55 20.34 4.15
N ASN B 82 -10.65 20.31 4.93
CA ASN B 82 -11.82 21.21 4.72
C ASN B 82 -12.34 21.12 3.27
N THR B 83 -12.68 19.89 2.85
CA THR B 83 -13.15 19.60 1.50
C THR B 83 -14.53 18.95 1.51
N SER B 84 -15.05 18.68 0.32
CA SER B 84 -16.27 17.90 0.07
C SER B 84 -16.12 17.29 -1.32
N VAL B 85 -16.89 16.22 -1.59
CA VAL B 85 -16.97 15.57 -2.90
C VAL B 85 -18.43 15.83 -3.31
N PRO B 86 -18.72 16.95 -3.99
CA PRO B 86 -20.13 17.35 -4.20
C PRO B 86 -20.97 16.54 -5.20
N THR B 87 -20.38 15.60 -5.93
CA THR B 87 -21.07 14.75 -6.92
C THR B 87 -20.28 13.46 -7.07
N GLY B 88 -20.90 12.40 -7.58
CA GLY B 88 -20.18 11.12 -7.76
C GLY B 88 -21.04 9.95 -8.21
N THR B 89 -22.16 10.22 -8.93
CA THR B 89 -23.06 9.16 -9.43
C THR B 89 -22.52 8.57 -10.73
N ILE B 90 -22.10 7.28 -10.72
CA ILE B 90 -21.55 6.62 -11.91
C ILE B 90 -22.63 5.70 -12.49
N ASP B 91 -23.06 6.00 -13.72
CA ASP B 91 -24.05 5.22 -14.43
C ASP B 91 -23.46 3.88 -14.87
N VAL B 92 -24.30 2.84 -14.97
CA VAL B 92 -23.84 1.49 -15.29
C VAL B 92 -23.46 1.33 -16.76
N ASP B 93 -23.68 2.33 -17.60
CA ASP B 93 -23.26 2.29 -19.00
C ASP B 93 -22.01 3.16 -19.20
N TYR B 94 -21.47 3.75 -18.13
CA TYR B 94 -20.28 4.58 -18.24
C TYR B 94 -19.03 3.77 -18.51
N ARG B 95 -18.38 4.07 -19.64
CA ARG B 95 -17.16 3.37 -20.04
C ARG B 95 -15.90 4.21 -19.86
N GLY B 96 -16.03 5.41 -19.32
CA GLY B 96 -14.88 6.26 -19.14
C GLY B 96 -14.14 6.01 -17.83
N GLU B 97 -13.18 6.88 -17.57
CA GLU B 97 -12.37 6.85 -16.39
C GLU B 97 -13.06 7.60 -15.26
N LEU B 98 -12.97 7.06 -14.04
CA LEU B 98 -13.56 7.69 -12.88
C LEU B 98 -12.80 8.95 -12.56
N LYS B 99 -13.53 10.06 -12.39
CA LYS B 99 -12.97 11.33 -12.02
C LYS B 99 -13.58 11.80 -10.71
N VAL B 100 -12.75 12.23 -9.79
CA VAL B 100 -13.23 12.72 -8.49
C VAL B 100 -13.37 14.23 -8.55
N ILE B 101 -14.54 14.73 -8.14
CA ILE B 101 -14.81 16.17 -8.06
C ILE B 101 -14.62 16.55 -6.61
N LEU B 102 -13.57 17.32 -6.33
CA LEU B 102 -13.22 17.71 -4.97
C LEU B 102 -13.26 19.21 -4.83
N ARG B 103 -14.05 19.71 -3.87
CA ARG B 103 -14.18 21.14 -3.54
C ARG B 103 -13.35 21.50 -2.31
N ASN B 104 -12.61 22.62 -2.39
CA ASN B 104 -11.82 23.15 -1.28
C ASN B 104 -12.69 24.28 -0.68
N HIS B 105 -13.06 24.17 0.61
CA HIS B 105 -13.89 25.17 1.29
C HIS B 105 -13.06 26.17 2.07
N SER B 106 -11.73 26.01 2.06
CA SER B 106 -10.84 26.95 2.77
C SER B 106 -10.63 28.21 1.95
N ALA B 107 -10.67 29.38 2.62
CA ALA B 107 -10.47 30.68 1.98
C ALA B 107 -8.98 31.02 1.89
N GLU B 108 -8.14 30.35 2.67
CA GLU B 108 -6.70 30.67 2.70
C GLU B 108 -5.75 29.54 2.34
N LYS B 109 -6.15 28.27 2.53
CA LYS B 109 -5.26 27.12 2.30
C LYS B 109 -5.56 26.32 1.04
N SER B 110 -4.51 25.88 0.34
CA SER B 110 -4.66 25.00 -0.83
C SER B 110 -4.72 23.52 -0.35
N VAL B 111 -5.34 22.63 -1.16
CA VAL B 111 -5.47 21.22 -0.82
C VAL B 111 -4.41 20.43 -1.61
N PRO B 112 -3.50 19.68 -0.94
CA PRO B 112 -2.52 18.89 -1.71
C PRO B 112 -3.12 17.58 -2.22
N ILE B 113 -2.95 17.32 -3.54
CA ILE B 113 -3.41 16.09 -4.18
C ILE B 113 -2.14 15.33 -4.52
N ARG B 114 -1.94 14.17 -3.88
CA ARG B 114 -0.69 13.42 -3.99
C ARG B 114 -0.92 11.97 -4.32
N LYS B 115 -0.02 11.37 -5.12
CA LYS B 115 -0.13 9.98 -5.61
C LYS B 115 -0.31 8.90 -4.53
N GLY B 116 0.37 9.03 -3.40
CA GLY B 116 0.24 8.05 -2.33
C GLY B 116 -0.97 8.15 -1.42
N THR B 117 -1.79 9.24 -1.54
CA THR B 117 -2.93 9.48 -0.65
C THR B 117 -4.25 9.46 -1.38
N SER B 118 -5.18 8.63 -0.89
CA SER B 118 -6.50 8.47 -1.52
C SER B 118 -7.35 9.72 -1.30
N ILE B 119 -8.05 10.18 -2.37
CA ILE B 119 -8.79 11.44 -2.36
C ILE B 119 -10.30 11.30 -2.13
N ALA B 120 -10.86 10.09 -2.32
CA ALA B 120 -12.30 9.80 -2.19
C ALA B 120 -12.48 8.30 -2.18
N GLN B 121 -13.74 7.82 -2.05
CA GLN B 121 -13.96 6.37 -2.03
C GLN B 121 -15.19 6.04 -2.85
N LEU B 122 -15.18 4.86 -3.48
CA LEU B 122 -16.25 4.38 -4.35
C LEU B 122 -17.00 3.23 -3.69
N ILE B 123 -18.31 3.42 -3.51
CA ILE B 123 -19.17 2.39 -2.91
C ILE B 123 -20.12 1.83 -3.97
N PHE B 124 -20.41 0.52 -3.89
CA PHE B 124 -21.29 -0.13 -4.83
C PHE B 124 -22.63 -0.24 -4.15
N LEU B 125 -23.51 0.69 -4.46
CA LEU B 125 -24.84 0.75 -3.82
C LEU B 125 -25.88 0.01 -4.62
N ARG B 126 -26.83 -0.63 -3.93
CA ARG B 126 -27.94 -1.32 -4.58
C ARG B 126 -29.03 -0.30 -4.92
N TYR B 127 -29.52 -0.33 -6.17
CA TYR B 127 -30.54 0.62 -6.59
C TYR B 127 -31.60 -0.13 -7.42
N CYS B 128 -32.74 0.49 -7.62
CA CYS B 128 -33.77 -0.08 -8.47
C CYS B 128 -33.66 0.53 -9.85
N ASP B 129 -33.44 -0.35 -10.85
CA ASP B 129 -33.43 0.02 -12.26
C ASP B 129 -34.91 -0.17 -12.64
N VAL B 130 -35.67 0.93 -12.60
CA VAL B 130 -37.10 0.97 -12.83
C VAL B 130 -37.46 0.39 -14.18
N GLU B 131 -38.45 -0.54 -14.20
CA GLU B 131 -38.91 -1.21 -15.40
C GLU B 131 -40.20 -0.57 -15.94
N GLU B 132 -41.04 -0.05 -15.02
CA GLU B 132 -42.34 0.53 -15.38
C GLU B 132 -42.54 1.83 -14.64
N GLU B 133 -43.02 2.87 -15.35
CA GLU B 133 -43.28 4.15 -14.70
C GLU B 133 -44.53 4.77 -15.22
N GLN B 134 -45.20 5.53 -14.36
CA GLN B 134 -46.43 6.23 -14.68
C GLN B 134 -46.38 7.62 -14.10
N ILE B 135 -47.02 8.57 -14.78
CA ILE B 135 -47.21 9.92 -14.26
C ILE B 135 -48.72 10.03 -14.12
N VAL B 136 -49.17 10.37 -12.91
CA VAL B 136 -50.59 10.53 -12.60
C VAL B 136 -50.88 11.92 -12.04
N TYR B 137 -52.08 12.38 -12.22
CA TYR B 137 -52.56 13.60 -11.61
C TYR B 137 -53.64 13.18 -10.62
N ILE B 138 -53.45 13.58 -9.35
CA ILE B 138 -54.42 13.25 -8.29
C ILE B 138 -55.18 14.50 -7.88
N ASN B 139 -56.49 14.51 -8.11
CA ASN B 139 -57.34 15.64 -7.77
C ASN B 139 -57.53 15.67 -6.27
N GLU B 140 -56.97 16.72 -5.64
CA GLU B 140 -56.96 16.99 -4.19
C GLU B 140 -58.35 17.05 -3.53
N THR B 141 -59.37 17.47 -4.29
CA THR B 141 -60.74 17.64 -3.81
C THR B 141 -61.62 16.38 -4.00
N THR B 142 -61.47 15.70 -5.15
CA THR B 142 -62.28 14.54 -5.53
C THR B 142 -61.62 13.19 -5.27
N GLY B 143 -60.30 13.14 -5.36
CA GLY B 143 -59.54 11.91 -5.22
C GLY B 143 -59.37 11.19 -6.55
N GLU B 144 -59.96 11.76 -7.65
CA GLU B 144 -59.89 11.20 -9.00
C GLU B 144 -58.44 11.20 -9.52
N ARG B 145 -57.98 10.04 -10.05
CA ARG B 145 -56.66 9.83 -10.60
C ARG B 145 -56.72 9.81 -12.11
N THR B 146 -55.92 10.66 -12.75
CA THR B 146 -55.82 10.74 -14.21
C THR B 146 -54.41 10.30 -14.59
N ILE B 147 -54.27 9.23 -15.40
CA ILE B 147 -52.96 8.78 -15.89
C ILE B 147 -52.54 9.76 -17.00
N ILE B 148 -51.43 10.48 -16.79
CA ILE B 148 -50.90 11.45 -17.76
C ILE B 148 -50.09 10.67 -18.82
N ASP B 149 -49.22 9.76 -18.34
CA ASP B 149 -48.35 9.00 -19.22
C ASP B 149 -47.88 7.77 -18.50
N SER B 150 -47.36 6.80 -19.26
CA SER B 150 -46.79 5.56 -18.75
C SER B 150 -45.76 5.05 -19.77
N SER B 151 -44.68 4.46 -19.28
CA SER B 151 -43.67 3.85 -20.13
C SER B 151 -42.95 2.69 -19.46
N SER B 152 -42.41 1.80 -20.30
CA SER B 152 -41.63 0.63 -19.90
C SER B 152 -40.20 0.94 -20.23
N LYS B 153 -39.23 0.30 -19.56
CA LYS B 153 -37.82 0.60 -19.81
C LYS B 153 -37.43 0.43 -21.30
N LYS B 154 -37.92 -0.62 -21.96
CA LYS B 154 -37.69 -0.90 -23.39
C LYS B 154 -38.11 0.25 -24.33
N ASP B 155 -39.18 1.03 -23.96
CA ASP B 155 -39.70 2.19 -24.73
C ASP B 155 -38.61 3.26 -24.97
N ASN B 156 -37.62 3.37 -24.04
CA ASN B 156 -36.52 4.35 -24.00
C ASN B 156 -37.07 5.75 -24.26
N LYS B 157 -38.11 6.09 -23.51
CA LYS B 157 -38.81 7.36 -23.61
C LYS B 157 -38.01 8.48 -22.93
N ASN B 158 -38.16 9.72 -23.48
CA ASN B 158 -37.55 10.99 -23.04
C ASN B 158 -36.03 10.87 -22.84
N GLN B 159 -35.38 10.16 -23.78
CA GLN B 159 -33.96 9.86 -23.82
C GLN B 159 -33.15 11.03 -24.43
N ALA B 160 -31.95 11.28 -23.86
CA ALA B 160 -30.98 12.27 -24.36
C ALA B 160 -30.21 11.63 -25.53
N ARG B 161 -29.68 10.40 -25.33
CA ARG B 161 -28.98 9.60 -26.34
C ARG B 161 -29.00 8.12 -25.98
N SER B 162 -28.81 7.24 -26.97
CA SER B 162 -28.85 5.79 -26.76
C SER B 162 -27.60 5.20 -26.11
N VAL B 163 -26.41 5.78 -26.39
CA VAL B 163 -25.16 5.23 -25.88
C VAL B 163 -24.38 6.28 -25.11
N ARG B 164 -24.16 6.03 -23.79
CA ARG B 164 -23.40 6.94 -22.95
C ARG B 164 -21.94 7.03 -23.39
N GLY B 165 -21.32 5.86 -23.60
CA GLY B 165 -19.92 5.75 -23.94
C GLY B 165 -19.05 6.27 -22.81
N THR B 166 -18.09 7.15 -23.15
CA THR B 166 -17.17 7.77 -22.18
C THR B 166 -17.68 9.18 -21.76
N GLY B 167 -18.87 9.55 -22.25
CA GLY B 167 -19.52 10.82 -21.98
C GLY B 167 -20.01 10.98 -20.56
N GLY B 168 -19.65 12.11 -19.96
CA GLY B 168 -20.04 12.46 -18.61
C GLY B 168 -20.04 13.95 -18.39
N PHE B 169 -20.23 14.37 -17.14
CA PHE B 169 -20.20 15.77 -16.69
C PHE B 169 -21.08 16.70 -17.54
N GLY B 170 -22.38 16.41 -17.51
CA GLY B 170 -23.36 17.21 -18.24
C GLY B 170 -23.40 16.95 -19.72
N SER B 171 -22.88 15.77 -20.17
CA SER B 171 -22.88 15.36 -21.57
C SER B 171 -24.32 15.30 -22.16
N THR B 172 -25.35 15.19 -21.28
CA THR B 172 -26.75 15.15 -21.71
C THR B 172 -27.41 16.55 -21.62
N ASP C 5 -46.12 -4.58 -11.58
CA ASP C 5 -45.36 -5.24 -10.51
C ASP C 5 -44.61 -4.19 -9.71
N SER C 6 -45.00 -4.06 -8.43
CA SER C 6 -44.46 -3.08 -7.48
C SER C 6 -42.94 -3.18 -7.26
N SER C 7 -42.32 -4.35 -7.54
CA SER C 7 -40.87 -4.52 -7.29
C SER C 7 -39.98 -3.58 -8.12
N ALA C 8 -40.39 -3.23 -9.36
CA ALA C 8 -39.56 -2.32 -10.19
C ALA C 8 -40.42 -1.31 -10.90
N SER C 9 -41.42 -0.80 -10.19
CA SER C 9 -42.29 0.23 -10.75
C SER C 9 -42.41 1.45 -9.86
N VAL C 10 -42.62 2.61 -10.50
CA VAL C 10 -42.74 3.89 -9.80
C VAL C 10 -43.94 4.65 -10.36
N VAL C 11 -44.61 5.40 -9.50
CA VAL C 11 -45.67 6.28 -9.95
C VAL C 11 -45.28 7.68 -9.47
N PHE C 12 -45.08 8.61 -10.42
CA PHE C 12 -44.82 10.00 -10.08
C PHE C 12 -46.16 10.68 -10.11
N MET C 13 -46.39 11.63 -9.18
CA MET C 13 -47.62 12.41 -9.19
C MET C 13 -47.29 13.84 -9.62
N ARG C 14 -47.99 14.28 -10.65
CA ARG C 14 -47.87 15.62 -11.19
C ARG C 14 -48.77 16.56 -10.35
N PHE C 15 -48.21 17.66 -9.83
CA PHE C 15 -48.98 18.57 -8.99
C PHE C 15 -49.85 19.56 -9.80
N ALA C 16 -49.41 19.98 -10.99
CA ALA C 16 -50.21 20.89 -11.82
C ALA C 16 -51.35 20.15 -12.52
N PRO C 17 -52.58 20.75 -12.59
CA PRO C 17 -53.69 20.09 -13.30
C PRO C 17 -53.34 19.73 -14.76
N PRO C 18 -53.93 18.68 -15.37
CA PRO C 18 -53.50 18.26 -16.72
C PRO C 18 -53.49 19.30 -17.85
N GLY C 19 -54.34 20.31 -17.85
CA GLY C 19 -54.36 21.32 -18.92
C GLY C 19 -53.42 22.50 -18.73
N GLU C 20 -52.56 22.41 -17.74
CA GLU C 20 -51.65 23.47 -17.29
C GLU C 20 -50.20 23.19 -17.68
N GLU C 21 -49.41 24.20 -17.99
CA GLU C 21 -48.00 23.99 -18.34
C GLU C 21 -47.21 23.82 -17.02
N THR C 22 -46.25 22.89 -16.97
CA THR C 22 -45.46 22.62 -15.75
C THR C 22 -44.00 22.20 -16.09
N ALA C 23 -43.25 21.76 -15.07
CA ALA C 23 -41.89 21.28 -15.25
C ALA C 23 -41.88 20.06 -16.14
N LEU C 24 -40.75 19.88 -16.83
CA LEU C 24 -40.56 18.72 -17.67
C LEU C 24 -40.60 17.47 -16.72
N PRO C 25 -41.19 16.34 -17.15
CA PRO C 25 -41.30 15.19 -16.23
C PRO C 25 -39.96 14.55 -15.85
N PRO C 26 -39.85 13.90 -14.64
CA PRO C 26 -38.57 13.21 -14.29
C PRO C 26 -38.27 12.18 -15.38
N ARG C 27 -37.04 12.20 -15.96
CA ARG C 27 -36.66 11.29 -17.06
C ARG C 27 -35.30 10.70 -16.86
N ARG C 28 -35.08 9.45 -17.32
CA ARG C 28 -33.76 8.82 -17.35
C ARG C 28 -33.16 9.16 -18.70
N ALA C 29 -31.98 9.82 -18.70
CA ALA C 29 -31.36 10.30 -19.94
C ALA C 29 -30.91 9.21 -20.93
N THR C 30 -30.30 8.12 -20.44
CA THR C 30 -29.82 7.02 -21.29
C THR C 30 -30.30 5.65 -20.73
N PRO C 31 -30.26 4.53 -21.52
CA PRO C 31 -30.69 3.23 -20.98
C PRO C 31 -29.93 2.72 -19.75
N GLY C 32 -28.70 3.19 -19.53
CA GLY C 32 -27.91 2.80 -18.37
C GLY C 32 -27.93 3.81 -17.23
N SER C 33 -28.66 4.94 -17.41
CA SER C 33 -28.78 5.97 -16.39
C SER C 33 -29.42 5.38 -15.15
N VAL C 34 -28.83 5.66 -13.98
CA VAL C 34 -29.34 5.06 -12.73
C VAL C 34 -30.35 5.99 -12.03
N ALA C 35 -30.45 7.25 -12.48
CA ALA C 35 -31.28 8.28 -11.85
C ALA C 35 -32.18 9.02 -12.82
N TYR C 36 -33.26 9.59 -12.27
CA TYR C 36 -34.21 10.39 -13.04
C TYR C 36 -33.81 11.85 -12.91
N ASP C 37 -33.67 12.53 -14.07
CA ASP C 37 -33.41 13.95 -14.11
C ASP C 37 -34.64 14.73 -13.61
N LEU C 38 -34.42 15.71 -12.74
CA LEU C 38 -35.47 16.60 -12.24
C LEU C 38 -35.31 17.95 -12.85
N PHE C 39 -36.43 18.57 -13.15
CA PHE C 39 -36.45 19.85 -13.83
C PHE C 39 -37.15 20.91 -12.98
N PRO C 40 -36.82 22.22 -13.12
CA PRO C 40 -37.52 23.22 -12.32
C PRO C 40 -38.91 23.59 -12.91
N SER C 41 -39.94 23.87 -12.07
CA SER C 41 -41.25 24.37 -12.55
C SER C 41 -41.12 25.81 -13.07
N GLU C 42 -40.32 26.62 -12.34
CA GLU C 42 -40.12 28.03 -12.64
C GLU C 42 -38.65 28.36 -12.74
N GLU C 43 -38.35 29.43 -13.46
CA GLU C 43 -37.00 29.91 -13.67
C GLU C 43 -36.62 30.91 -12.58
N MET C 44 -35.33 30.98 -12.26
CA MET C 44 -34.74 31.86 -11.26
C MET C 44 -33.24 31.94 -11.48
N ASP C 45 -32.58 32.84 -10.75
CA ASP C 45 -31.13 33.01 -10.75
C ASP C 45 -30.69 32.95 -9.30
N ILE C 46 -29.86 31.97 -8.93
CA ILE C 46 -29.41 31.83 -7.55
C ILE C 46 -28.26 32.79 -7.37
N GLU C 47 -28.42 33.76 -6.46
CA GLU C 47 -27.41 34.77 -6.17
C GLU C 47 -26.08 34.13 -5.67
N PRO C 48 -24.91 34.80 -5.85
CA PRO C 48 -23.66 34.26 -5.30
C PRO C 48 -23.77 33.84 -3.82
N MET C 49 -23.19 32.67 -3.46
CA MET C 49 -23.21 32.10 -2.10
C MET C 49 -24.66 31.77 -1.61
N GLY C 50 -25.63 31.82 -2.51
CA GLY C 50 -27.04 31.57 -2.22
C GLY C 50 -27.43 30.11 -2.09
N LEU C 51 -28.61 29.89 -1.50
CA LEU C 51 -29.21 28.58 -1.29
C LEU C 51 -30.66 28.67 -1.76
N ALA C 52 -31.05 27.80 -2.68
CA ALA C 52 -32.41 27.83 -3.23
C ALA C 52 -33.17 26.53 -2.98
N LYS C 53 -34.50 26.65 -2.84
CA LYS C 53 -35.40 25.49 -2.68
C LYS C 53 -36.28 25.55 -3.95
N ILE C 54 -36.00 24.67 -4.90
CA ILE C 54 -36.61 24.68 -6.21
C ILE C 54 -37.68 23.61 -6.38
N SER C 55 -38.92 24.06 -6.70
CA SER C 55 -40.02 23.12 -6.96
C SER C 55 -39.80 22.39 -8.30
N THR C 56 -40.01 21.07 -8.30
CA THR C 56 -39.85 20.22 -9.49
C THR C 56 -41.18 19.90 -10.20
N GLY C 57 -42.30 20.19 -9.58
CA GLY C 57 -43.63 19.91 -10.13
C GLY C 57 -44.13 18.50 -9.87
N TYR C 58 -43.29 17.63 -9.28
CA TYR C 58 -43.69 16.24 -9.07
C TYR C 58 -43.43 15.72 -7.68
N GLY C 59 -44.23 14.75 -7.27
CA GLY C 59 -44.06 14.03 -6.03
C GLY C 59 -43.96 12.55 -6.39
N ILE C 60 -43.78 11.69 -5.39
CA ILE C 60 -43.73 10.26 -5.64
C ILE C 60 -44.99 9.66 -5.05
N ASP C 61 -45.89 9.15 -5.90
CA ASP C 61 -47.10 8.51 -5.42
C ASP C 61 -46.78 7.10 -4.92
N LYS C 62 -45.91 6.36 -5.65
CA LYS C 62 -45.56 4.99 -5.29
C LYS C 62 -44.09 4.74 -5.55
N PHE C 63 -43.38 4.24 -4.53
CA PHE C 63 -41.95 3.93 -4.58
C PHE C 63 -41.79 2.49 -4.97
N PRO C 64 -40.69 2.12 -5.66
CA PRO C 64 -40.42 0.69 -5.90
C PRO C 64 -40.20 -0.01 -4.54
N ASP C 65 -40.61 -1.29 -4.40
CA ASP C 65 -40.48 -2.04 -3.15
C ASP C 65 -39.09 -1.95 -2.52
N GLY C 66 -39.06 -1.63 -1.21
CA GLY C 66 -37.83 -1.57 -0.42
C GLY C 66 -36.86 -0.45 -0.78
N CYS C 67 -37.35 0.54 -1.55
CA CYS C 67 -36.58 1.70 -1.98
C CYS C 67 -37.15 2.98 -1.42
N TYR C 68 -36.31 4.00 -1.34
CA TYR C 68 -36.69 5.36 -1.00
C TYR C 68 -36.08 6.24 -2.13
N GLY C 69 -36.40 7.50 -2.15
CA GLY C 69 -35.84 8.40 -3.16
C GLY C 69 -34.73 9.26 -2.57
N GLN C 70 -33.55 9.30 -3.21
CA GLN C 70 -32.46 10.18 -2.79
C GLN C 70 -32.19 11.18 -3.93
N ILE C 71 -32.35 12.46 -3.65
CA ILE C 71 -32.02 13.54 -4.61
C ILE C 71 -30.51 13.75 -4.44
N VAL C 72 -29.78 13.68 -5.56
CA VAL C 72 -28.33 13.85 -5.61
C VAL C 72 -28.00 14.85 -6.71
N SER C 73 -26.82 15.43 -6.64
CA SER C 73 -26.41 16.39 -7.63
C SER C 73 -26.08 15.73 -8.98
N ARG C 74 -26.25 16.47 -10.08
CA ARG C 74 -25.81 16.07 -11.41
C ARG C 74 -24.40 16.63 -11.54
N SER C 75 -23.49 15.89 -12.20
CA SER C 75 -22.10 16.31 -12.33
C SER C 75 -21.91 17.58 -13.16
N GLY C 76 -22.71 17.77 -14.20
CA GLY C 76 -22.68 18.97 -15.04
C GLY C 76 -23.04 20.24 -14.28
N MET C 77 -24.20 20.25 -13.60
CA MET C 77 -24.68 21.36 -12.78
C MET C 77 -23.65 21.64 -11.64
N THR C 78 -23.07 20.59 -11.01
CA THR C 78 -22.05 20.76 -9.97
C THR C 78 -20.79 21.46 -10.51
N TRP C 79 -20.19 20.91 -11.57
CA TRP C 79 -18.94 21.35 -12.15
C TRP C 79 -19.03 22.66 -12.94
N LYS C 80 -20.00 22.75 -13.86
CA LYS C 80 -20.15 23.93 -14.71
C LYS C 80 -20.67 25.14 -13.93
N ASN C 81 -21.55 24.90 -12.95
CA ASN C 81 -22.14 26.01 -12.21
C ASN C 81 -21.67 26.17 -10.77
N ASN C 82 -20.66 25.39 -10.34
CA ASN C 82 -20.08 25.51 -8.98
C ASN C 82 -21.15 25.38 -7.89
N THR C 83 -21.93 24.30 -7.95
CA THR C 83 -23.02 24.04 -7.02
C THR C 83 -22.84 22.76 -6.23
N SER C 84 -23.80 22.48 -5.35
CA SER C 84 -23.97 21.23 -4.60
C SER C 84 -25.45 21.08 -4.28
N VAL C 85 -25.88 19.87 -3.98
CA VAL C 85 -27.26 19.53 -3.56
C VAL C 85 -27.06 18.98 -2.15
N PRO C 86 -27.06 19.86 -1.13
CA PRO C 86 -26.65 19.42 0.22
C PRO C 86 -27.58 18.51 1.01
N THR C 87 -28.77 18.22 0.49
CA THR C 87 -29.75 17.36 1.15
C THR C 87 -30.67 16.77 0.08
N GLY C 88 -31.33 15.65 0.39
CA GLY C 88 -32.24 15.06 -0.60
C GLY C 88 -32.85 13.74 -0.22
N THR C 89 -32.98 13.44 1.08
CA THR C 89 -33.57 12.18 1.54
C THR C 89 -35.12 12.24 1.54
N ILE C 90 -35.78 11.47 0.67
CA ILE C 90 -37.24 11.46 0.56
C ILE C 90 -37.79 10.24 1.29
N ASP C 91 -38.56 10.48 2.37
CA ASP C 91 -39.20 9.40 3.14
C ASP C 91 -40.32 8.75 2.34
N VAL C 92 -40.58 7.47 2.59
CA VAL C 92 -41.56 6.69 1.82
C VAL C 92 -43.01 7.03 2.16
N ASP C 93 -43.25 7.88 3.16
CA ASP C 93 -44.62 8.33 3.45
C ASP C 93 -44.80 9.78 2.95
N TYR C 94 -43.76 10.40 2.33
CA TYR C 94 -43.88 11.79 1.86
C TYR C 94 -44.83 11.92 0.67
N ARG C 95 -45.89 12.72 0.84
CA ARG C 95 -46.92 12.97 -0.15
C ARG C 95 -46.81 14.35 -0.81
N GLY C 96 -45.78 15.12 -0.45
CA GLY C 96 -45.61 16.46 -1.02
C GLY C 96 -44.83 16.46 -2.31
N GLU C 97 -44.58 17.64 -2.82
CA GLU C 97 -43.84 17.87 -4.04
C GLU C 97 -42.35 17.84 -3.74
N LEU C 98 -41.57 17.19 -4.61
CA LEU C 98 -40.11 17.14 -4.46
C LEU C 98 -39.52 18.52 -4.72
N LYS C 99 -38.68 18.95 -3.81
CA LYS C 99 -38.02 20.24 -3.92
C LYS C 99 -36.53 20.03 -3.91
N VAL C 100 -35.81 20.66 -4.86
CA VAL C 100 -34.36 20.51 -4.94
C VAL C 100 -33.71 21.63 -4.15
N ILE C 101 -32.77 21.28 -3.25
CA ILE C 101 -32.02 22.29 -2.47
C ILE C 101 -30.69 22.44 -3.17
N LEU C 102 -30.45 23.59 -3.78
CA LEU C 102 -29.24 23.83 -4.54
C LEU C 102 -28.46 24.99 -3.96
N ARG C 103 -27.17 24.75 -3.65
CA ARG C 103 -26.24 25.73 -3.09
C ARG C 103 -25.32 26.24 -4.16
N ASN C 104 -25.14 27.56 -4.24
CA ASN C 104 -24.22 28.21 -5.17
C ASN C 104 -22.96 28.51 -4.36
N HIS C 105 -21.82 27.91 -4.75
CA HIS C 105 -20.53 28.10 -4.05
C HIS C 105 -19.70 29.23 -4.65
N SER C 106 -20.20 29.86 -5.71
CA SER C 106 -19.49 30.99 -6.32
C SER C 106 -19.73 32.30 -5.55
N ALA C 107 -18.70 33.17 -5.49
CA ALA C 107 -18.76 34.45 -4.79
C ALA C 107 -19.16 35.58 -5.72
N GLU C 108 -18.97 35.41 -7.03
CA GLU C 108 -19.22 36.43 -8.04
C GLU C 108 -20.34 36.11 -9.04
N LYS C 109 -20.59 34.81 -9.33
CA LYS C 109 -21.55 34.38 -10.34
C LYS C 109 -22.85 33.82 -9.82
N SER C 110 -23.95 34.19 -10.49
CA SER C 110 -25.26 33.66 -10.16
C SER C 110 -25.50 32.35 -10.95
N VAL C 111 -26.36 31.45 -10.44
CA VAL C 111 -26.66 30.19 -11.10
C VAL C 111 -27.98 30.33 -11.87
N PRO C 112 -28.00 30.13 -13.21
CA PRO C 112 -29.27 30.19 -13.93
C PRO C 112 -30.09 28.89 -13.76
N ILE C 113 -31.37 29.03 -13.38
CA ILE C 113 -32.29 27.89 -13.22
C ILE C 113 -33.29 28.08 -14.36
N ARG C 114 -33.29 27.16 -15.32
CA ARG C 114 -34.07 27.25 -16.55
C ARG C 114 -34.89 25.99 -16.79
N LYS C 115 -36.09 26.18 -17.35
CA LYS C 115 -37.07 25.11 -17.58
C LYS C 115 -36.55 23.87 -18.35
N GLY C 116 -35.76 24.09 -19.40
CA GLY C 116 -35.25 22.97 -20.18
C GLY C 116 -34.01 22.25 -19.67
N THR C 117 -33.42 22.74 -18.57
CA THR C 117 -32.18 22.16 -18.02
C THR C 117 -32.39 21.54 -16.64
N SER C 118 -32.04 20.24 -16.50
CA SER C 118 -32.14 19.50 -15.25
C SER C 118 -31.23 20.10 -14.20
N ILE C 119 -31.71 20.13 -12.94
CA ILE C 119 -31.05 20.76 -11.80
C ILE C 119 -30.47 19.74 -10.81
N ALA C 120 -31.00 18.50 -10.85
CA ALA C 120 -30.55 17.43 -9.95
C ALA C 120 -31.08 16.10 -10.49
N GLN C 121 -30.79 15.02 -9.78
CA GLN C 121 -31.28 13.71 -10.19
C GLN C 121 -31.81 12.94 -8.98
N LEU C 122 -32.78 12.02 -9.24
CA LEU C 122 -33.43 11.20 -8.23
C LEU C 122 -33.11 9.71 -8.43
N ILE C 123 -32.44 9.06 -7.43
CA ILE C 123 -32.09 7.62 -7.45
C ILE C 123 -33.03 6.91 -6.51
N PHE C 124 -33.55 5.76 -6.92
CA PHE C 124 -34.34 4.89 -6.03
C PHE C 124 -33.36 3.91 -5.39
N LEU C 125 -32.90 4.22 -4.17
CA LEU C 125 -31.93 3.40 -3.45
C LEU C 125 -32.59 2.38 -2.58
N ARG C 126 -31.98 1.17 -2.47
CA ARG C 126 -32.53 0.11 -1.61
C ARG C 126 -31.98 0.38 -0.20
N TYR C 127 -32.85 0.34 0.79
CA TYR C 127 -32.44 0.57 2.18
C TYR C 127 -33.10 -0.47 3.07
N CYS C 128 -32.62 -0.66 4.30
CA CYS C 128 -33.29 -1.56 5.23
C CYS C 128 -34.24 -0.77 6.10
N ASP C 129 -35.53 -1.15 6.06
CA ASP C 129 -36.55 -0.61 6.94
C ASP C 129 -36.48 -1.52 8.18
N VAL C 130 -35.74 -1.09 9.20
CA VAL C 130 -35.46 -1.88 10.40
C VAL C 130 -36.71 -2.30 11.10
N GLU C 131 -36.79 -3.60 11.45
CA GLU C 131 -37.92 -4.20 12.12
C GLU C 131 -37.65 -4.37 13.62
N GLU C 132 -36.39 -4.53 14.01
CA GLU C 132 -36.04 -4.75 15.41
C GLU C 132 -34.78 -3.98 15.71
N GLU C 133 -34.69 -3.36 16.90
CA GLU C 133 -33.50 -2.60 17.27
C GLU C 133 -33.22 -2.73 18.75
N GLN C 134 -31.95 -2.66 19.13
CA GLN C 134 -31.52 -2.74 20.52
C GLN C 134 -30.48 -1.68 20.79
N ILE C 135 -30.43 -1.18 22.02
CA ILE C 135 -29.37 -0.28 22.47
C ILE C 135 -28.70 -1.06 23.56
N VAL C 136 -27.37 -1.26 23.41
CA VAL C 136 -26.60 -2.01 24.41
C VAL C 136 -25.46 -1.17 24.96
N TYR C 137 -25.01 -1.51 26.16
CA TYR C 137 -23.80 -0.94 26.75
C TYR C 137 -22.79 -2.08 26.84
N ILE C 138 -21.63 -1.88 26.23
CA ILE C 138 -20.57 -2.88 26.23
C ILE C 138 -19.42 -2.41 27.11
N ASN C 139 -19.17 -3.14 28.18
CA ASN C 139 -18.09 -2.79 29.10
C ASN C 139 -16.79 -3.23 28.43
N GLU C 140 -15.99 -2.25 27.99
CA GLU C 140 -14.69 -2.43 27.32
C GLU C 140 -13.70 -3.32 28.10
N THR C 141 -13.68 -3.15 29.44
CA THR C 141 -12.74 -3.86 30.31
C THR C 141 -13.13 -5.33 30.57
N THR C 142 -14.44 -5.60 30.76
CA THR C 142 -14.95 -6.93 31.08
C THR C 142 -15.54 -7.70 29.89
N GLY C 143 -16.07 -6.97 28.93
CA GLY C 143 -16.74 -7.54 27.76
C GLY C 143 -18.23 -7.76 27.98
N GLU C 144 -18.72 -7.46 29.20
CA GLU C 144 -20.13 -7.65 29.52
C GLU C 144 -21.04 -6.69 28.76
N ARG C 145 -22.19 -7.23 28.33
CA ARG C 145 -23.20 -6.53 27.57
C ARG C 145 -24.48 -6.34 28.39
N THR C 146 -24.92 -5.08 28.49
CA THR C 146 -26.15 -4.71 29.19
C THR C 146 -27.11 -4.15 28.15
N ILE C 147 -28.31 -4.76 28.02
CA ILE C 147 -29.33 -4.26 27.09
C ILE C 147 -29.99 -3.04 27.76
N ILE C 148 -29.86 -1.86 27.15
CA ILE C 148 -30.44 -0.61 27.66
C ILE C 148 -31.90 -0.55 27.25
N ASP C 149 -32.18 -0.86 25.99
CA ASP C 149 -33.53 -0.82 25.43
C ASP C 149 -33.60 -1.69 24.18
N SER C 150 -34.82 -2.05 23.78
CA SER C 150 -35.11 -2.81 22.58
C SER C 150 -36.51 -2.48 22.13
N SER C 151 -36.70 -2.35 20.82
CA SER C 151 -38.03 -2.10 20.24
C SER C 151 -38.21 -2.71 18.87
N SER C 152 -39.48 -3.01 18.54
CA SER C 152 -39.89 -3.56 17.26
C SER C 152 -40.58 -2.42 16.54
N LYS C 153 -40.57 -2.43 15.19
CA LYS C 153 -41.23 -1.35 14.42
C LYS C 153 -42.74 -1.25 14.72
N MET D 4 13.94 -33.64 11.99
CA MET D 4 15.17 -32.91 12.31
C MET D 4 14.86 -31.71 13.22
N ASP D 5 15.82 -31.30 14.11
CA ASP D 5 15.69 -30.11 14.99
C ASP D 5 15.71 -28.89 14.09
N SER D 6 14.59 -28.14 14.09
CA SER D 6 14.36 -26.98 13.23
C SER D 6 15.39 -25.86 13.36
N SER D 7 16.12 -25.79 14.51
CA SER D 7 17.10 -24.71 14.74
C SER D 7 18.27 -24.71 13.74
N ALA D 8 18.70 -25.89 13.22
CA ALA D 8 19.81 -25.92 12.26
C ALA D 8 19.52 -26.92 11.16
N SER D 9 18.27 -26.95 10.68
CA SER D 9 17.87 -27.86 9.61
C SER D 9 17.13 -27.17 8.49
N VAL D 10 17.28 -27.71 7.28
CA VAL D 10 16.67 -27.15 6.07
C VAL D 10 15.99 -28.24 5.25
N VAL D 11 14.87 -27.91 4.61
CA VAL D 11 14.24 -28.82 3.68
C VAL D 11 14.20 -28.09 2.34
N PHE D 12 14.89 -28.62 1.32
CA PHE D 12 14.81 -28.09 -0.02
C PHE D 12 13.69 -28.81 -0.73
N MET D 13 12.99 -28.10 -1.62
CA MET D 13 11.97 -28.79 -2.42
C MET D 13 12.38 -28.88 -3.86
N ARG D 14 12.46 -30.09 -4.36
CA ARG D 14 12.78 -30.37 -5.74
C ARG D 14 11.51 -30.16 -6.57
N PHE D 15 11.57 -29.35 -7.64
CA PHE D 15 10.38 -29.12 -8.47
C PHE D 15 10.11 -30.27 -9.48
N ALA D 16 11.17 -30.88 -10.02
CA ALA D 16 10.99 -31.99 -10.98
C ALA D 16 10.56 -33.30 -10.29
N PRO D 17 9.62 -34.07 -10.88
CA PRO D 17 9.26 -35.36 -10.28
C PRO D 17 10.47 -36.29 -10.07
N PRO D 18 10.46 -37.22 -9.07
CA PRO D 18 11.62 -38.11 -8.88
C PRO D 18 11.87 -38.96 -10.13
N GLY D 19 13.12 -39.22 -10.44
CA GLY D 19 13.44 -40.01 -11.63
C GLY D 19 13.83 -39.15 -12.81
N GLU D 20 13.31 -37.92 -12.89
CA GLU D 20 13.65 -36.99 -13.96
C GLU D 20 15.03 -36.41 -13.77
N GLU D 21 15.76 -36.14 -14.87
CA GLU D 21 17.04 -35.42 -14.73
C GLU D 21 16.64 -33.96 -14.44
N THR D 22 17.37 -33.31 -13.58
CA THR D 22 17.11 -31.93 -13.17
C THR D 22 18.47 -31.31 -12.81
N ALA D 23 18.46 -30.08 -12.29
CA ALA D 23 19.68 -29.44 -11.82
C ALA D 23 20.30 -30.23 -10.66
N LEU D 24 21.60 -30.17 -10.54
CA LEU D 24 22.30 -30.80 -9.43
C LEU D 24 21.79 -30.19 -8.13
N PRO D 25 21.63 -30.97 -7.06
CA PRO D 25 21.07 -30.42 -5.83
C PRO D 25 21.95 -29.40 -5.12
N PRO D 26 21.37 -28.46 -4.32
CA PRO D 26 22.25 -27.52 -3.59
C PRO D 26 23.21 -28.31 -2.70
N ARG D 27 24.50 -27.91 -2.71
CA ARG D 27 25.55 -28.59 -1.96
C ARG D 27 26.52 -27.65 -1.32
N ARG D 28 27.02 -28.00 -0.13
CA ARG D 28 28.10 -27.23 0.49
C ARG D 28 29.41 -27.89 0.02
N ALA D 29 30.28 -27.11 -0.63
CA ALA D 29 31.51 -27.60 -1.23
C ALA D 29 32.55 -28.14 -0.23
N THR D 30 32.73 -27.48 0.93
CA THR D 30 33.75 -27.91 1.93
C THR D 30 33.13 -27.86 3.36
N PRO D 31 33.75 -28.48 4.39
CA PRO D 31 33.14 -28.45 5.75
C PRO D 31 32.98 -27.06 6.38
N GLY D 32 33.76 -26.08 5.92
CA GLY D 32 33.68 -24.72 6.42
C GLY D 32 32.93 -23.78 5.49
N SER D 33 32.38 -24.32 4.37
CA SER D 33 31.61 -23.52 3.42
C SER D 33 30.38 -22.98 4.14
N VAL D 34 30.14 -21.68 3.98
CA VAL D 34 29.02 -21.03 4.67
C VAL D 34 27.73 -21.04 3.82
N ALA D 35 27.84 -21.39 2.54
CA ALA D 35 26.72 -21.36 1.61
C ALA D 35 26.56 -22.63 0.78
N TYR D 36 25.34 -22.82 0.24
CA TYR D 36 25.06 -23.94 -0.67
C TYR D 36 25.25 -23.47 -2.10
N ASP D 37 26.00 -24.25 -2.91
CA ASP D 37 26.20 -23.99 -4.34
C ASP D 37 24.88 -24.20 -5.07
N LEU D 38 24.49 -23.27 -5.94
CA LEU D 38 23.28 -23.46 -6.73
C LEU D 38 23.66 -23.76 -8.16
N PHE D 39 22.94 -24.67 -8.79
CA PHE D 39 23.25 -25.13 -10.13
C PHE D 39 22.09 -24.86 -11.08
N PRO D 40 22.37 -24.67 -12.40
CA PRO D 40 21.28 -24.44 -13.34
C PRO D 40 20.56 -25.72 -13.83
N SER D 41 19.24 -25.60 -14.05
CA SER D 41 18.43 -26.70 -14.62
C SER D 41 18.72 -26.87 -16.10
N GLU D 42 18.91 -25.75 -16.81
CA GLU D 42 19.16 -25.75 -18.26
C GLU D 42 20.38 -24.94 -18.62
N GLU D 43 20.97 -25.24 -19.76
CA GLU D 43 22.17 -24.52 -20.22
C GLU D 43 21.77 -23.36 -21.11
N MET D 44 22.59 -22.32 -21.14
CA MET D 44 22.41 -21.10 -21.92
C MET D 44 23.73 -20.33 -21.97
N ASP D 45 23.78 -19.28 -22.78
CA ASP D 45 24.92 -18.38 -22.92
C ASP D 45 24.39 -16.98 -22.72
N ILE D 46 24.87 -16.28 -21.68
CA ILE D 46 24.40 -14.92 -21.42
C ILE D 46 25.15 -13.99 -22.35
N GLU D 47 24.43 -13.29 -23.24
CA GLU D 47 25.02 -12.38 -24.22
C GLU D 47 25.78 -11.22 -23.54
N PRO D 48 26.75 -10.56 -24.23
CA PRO D 48 27.44 -9.40 -23.61
C PRO D 48 26.45 -8.36 -23.08
N MET D 49 26.72 -7.80 -21.88
CA MET D 49 25.89 -6.82 -21.16
C MET D 49 24.47 -7.36 -20.81
N GLY D 50 24.28 -8.66 -20.97
CA GLY D 50 22.99 -9.31 -20.72
C GLY D 50 22.67 -9.60 -19.26
N LEU D 51 21.40 -9.91 -19.01
CA LEU D 51 20.88 -10.23 -17.70
C LEU D 51 20.05 -11.49 -17.85
N ALA D 52 20.30 -12.49 -17.01
CA ALA D 52 19.58 -13.77 -17.09
C ALA D 52 18.88 -14.11 -15.79
N LYS D 53 17.74 -14.81 -15.88
CA LYS D 53 16.96 -15.31 -14.75
C LYS D 53 17.04 -16.81 -14.91
N ILE D 54 17.89 -17.47 -14.12
CA ILE D 54 18.19 -18.89 -14.24
C ILE D 54 17.50 -19.74 -13.20
N SER D 55 16.73 -20.74 -13.65
CA SER D 55 16.07 -21.68 -12.76
C SER D 55 17.09 -22.66 -12.18
N THR D 56 16.96 -22.91 -10.87
CA THR D 56 17.86 -23.80 -10.13
C THR D 56 17.26 -25.18 -9.87
N GLY D 57 15.97 -25.36 -10.15
CA GLY D 57 15.24 -26.62 -9.92
C GLY D 57 14.76 -26.86 -8.50
N TYR D 58 15.08 -25.94 -7.57
CA TYR D 58 14.71 -26.14 -6.16
C TYR D 58 14.11 -24.91 -5.51
N GLY D 59 13.27 -25.13 -4.53
CA GLY D 59 12.74 -24.10 -3.66
C GLY D 59 13.14 -24.43 -2.22
N ILE D 60 12.65 -23.66 -1.26
CA ILE D 60 12.95 -23.93 0.14
C ILE D 60 11.63 -24.26 0.82
N ASP D 61 11.44 -25.54 1.18
CA ASP D 61 10.23 -25.92 1.89
C ASP D 61 10.27 -25.45 3.36
N LYS D 62 11.44 -25.57 4.03
CA LYS D 62 11.58 -25.20 5.43
C LYS D 62 12.94 -24.55 5.64
N PHE D 63 12.94 -23.34 6.22
CA PHE D 63 14.14 -22.56 6.53
C PHE D 63 14.57 -22.89 7.95
N PRO D 64 15.89 -22.78 8.25
CA PRO D 64 16.32 -22.91 9.66
C PRO D 64 15.70 -21.78 10.50
N ASP D 65 15.39 -22.02 11.79
CA ASP D 65 14.77 -21.03 12.67
C ASP D 65 15.47 -19.67 12.68
N GLY D 66 14.71 -18.60 12.53
CA GLY D 66 15.23 -17.23 12.56
C GLY D 66 16.10 -16.83 11.39
N CYS D 67 16.07 -17.64 10.29
CA CYS D 67 16.88 -17.43 9.08
C CYS D 67 16.06 -17.26 7.85
N TYR D 68 16.62 -16.55 6.86
CA TYR D 68 16.02 -16.44 5.53
C TYR D 68 17.15 -16.84 4.55
N GLY D 69 16.84 -16.92 3.27
CA GLY D 69 17.84 -17.32 2.29
C GLY D 69 18.30 -16.11 1.50
N GLN D 70 19.62 -15.93 1.41
CA GLN D 70 20.22 -14.88 0.60
C GLN D 70 21.08 -15.54 -0.49
N ILE D 71 20.72 -15.30 -1.77
CA ILE D 71 21.51 -15.76 -2.91
C ILE D 71 22.57 -14.67 -3.12
N VAL D 72 23.85 -15.08 -3.14
CA VAL D 72 24.98 -14.18 -3.32
C VAL D 72 25.85 -14.76 -4.44
N SER D 73 26.73 -13.95 -5.01
CA SER D 73 27.58 -14.42 -6.10
C SER D 73 28.69 -15.29 -5.58
N ARG D 74 29.25 -16.18 -6.46
CA ARG D 74 30.43 -16.96 -6.15
C ARG D 74 31.61 -16.11 -6.68
N SER D 75 32.75 -16.15 -5.99
CA SER D 75 33.93 -15.36 -6.39
C SER D 75 34.51 -15.75 -7.73
N GLY D 76 34.53 -17.04 -8.05
CA GLY D 76 35.03 -17.56 -9.32
C GLY D 76 34.24 -17.05 -10.51
N MET D 77 32.92 -17.26 -10.50
CA MET D 77 31.96 -16.81 -11.51
C MET D 77 32.05 -15.28 -11.67
N THR D 78 32.13 -14.53 -10.55
CA THR D 78 32.25 -13.07 -10.57
C THR D 78 33.53 -12.63 -11.29
N TRP D 79 34.68 -13.10 -10.82
CA TRP D 79 36.00 -12.69 -11.31
C TRP D 79 36.39 -13.28 -12.68
N LYS D 80 36.21 -14.59 -12.86
CA LYS D 80 36.59 -15.23 -14.12
C LYS D 80 35.66 -14.90 -15.26
N ASN D 81 34.35 -14.72 -14.99
CA ASN D 81 33.38 -14.44 -16.04
C ASN D 81 32.84 -13.02 -16.07
N ASN D 82 33.37 -12.11 -15.22
CA ASN D 82 32.98 -10.69 -15.19
C ASN D 82 31.44 -10.54 -15.00
N THR D 83 30.92 -11.17 -13.94
CA THR D 83 29.50 -11.16 -13.63
C THR D 83 29.20 -10.55 -12.25
N SER D 84 27.92 -10.50 -11.91
CA SER D 84 27.40 -10.14 -10.60
C SER D 84 26.04 -10.82 -10.45
N VAL D 85 25.57 -10.96 -9.21
CA VAL D 85 24.26 -11.52 -8.86
C VAL D 85 23.62 -10.30 -8.15
N PRO D 86 22.91 -9.43 -8.91
CA PRO D 86 22.43 -8.15 -8.32
C PRO D 86 21.23 -8.18 -7.38
N THR D 87 20.69 -9.35 -7.08
CA THR D 87 19.56 -9.49 -6.16
C THR D 87 19.57 -10.94 -5.66
N GLY D 88 18.93 -11.21 -4.54
CA GLY D 88 18.84 -12.58 -4.04
C GLY D 88 18.17 -12.78 -2.70
N THR D 89 17.27 -11.88 -2.31
CA THR D 89 16.60 -11.96 -1.01
C THR D 89 15.37 -12.87 -1.08
N ILE D 90 15.40 -14.04 -0.41
CA ILE D 90 14.31 -15.03 -0.44
C ILE D 90 13.48 -14.90 0.81
N ASP D 91 12.19 -14.56 0.65
CA ASP D 91 11.25 -14.40 1.75
C ASP D 91 10.86 -15.77 2.31
N VAL D 92 10.58 -15.84 3.61
CA VAL D 92 10.34 -17.12 4.27
C VAL D 92 8.95 -17.70 3.97
N ASP D 93 8.08 -16.94 3.27
CA ASP D 93 6.78 -17.42 2.85
C ASP D 93 6.82 -17.78 1.35
N TYR D 94 8.00 -17.69 0.69
CA TYR D 94 8.12 -18.02 -0.73
C TYR D 94 8.04 -19.51 -0.99
N ARG D 95 7.04 -19.91 -1.78
CA ARG D 95 6.82 -21.33 -2.12
C ARG D 95 7.24 -21.69 -3.54
N GLY D 96 7.81 -20.74 -4.25
CA GLY D 96 8.23 -21.01 -5.63
C GLY D 96 9.64 -21.57 -5.76
N GLU D 97 10.10 -21.64 -7.00
CA GLU D 97 11.44 -22.12 -7.31
C GLU D 97 12.43 -20.98 -7.24
N LEU D 98 13.63 -21.24 -6.69
CA LEU D 98 14.69 -20.23 -6.62
C LEU D 98 15.23 -19.96 -7.99
N LYS D 99 15.33 -18.68 -8.31
CA LYS D 99 15.90 -18.28 -9.60
C LYS D 99 17.10 -17.39 -9.37
N VAL D 100 18.19 -17.63 -10.09
CA VAL D 100 19.39 -16.79 -9.95
C VAL D 100 19.37 -15.70 -11.01
N ILE D 101 19.56 -14.46 -10.58
CA ILE D 101 19.67 -13.32 -11.49
C ILE D 101 21.16 -13.07 -11.68
N LEU D 102 21.65 -13.25 -12.90
CA LEU D 102 23.07 -13.11 -13.19
C LEU D 102 23.26 -12.09 -14.30
N ARG D 103 24.09 -11.07 -14.04
CA ARG D 103 24.41 -10.00 -14.98
C ARG D 103 25.80 -10.22 -15.56
N ASN D 104 25.91 -10.03 -16.88
CA ASN D 104 27.18 -10.14 -17.59
C ASN D 104 27.65 -8.69 -17.80
N HIS D 105 28.83 -8.33 -17.25
CA HIS D 105 29.38 -6.98 -17.35
C HIS D 105 30.35 -6.86 -18.52
N SER D 106 30.62 -7.96 -19.23
CA SER D 106 31.54 -7.94 -20.38
C SER D 106 30.84 -7.39 -21.62
N ALA D 107 31.55 -6.55 -22.37
CA ALA D 107 31.06 -5.93 -23.60
C ALA D 107 31.31 -6.83 -24.81
N GLU D 108 32.21 -7.82 -24.67
CA GLU D 108 32.59 -8.69 -25.79
C GLU D 108 32.32 -10.18 -25.59
N LYS D 109 32.35 -10.67 -24.35
CA LYS D 109 32.21 -12.09 -24.07
C LYS D 109 30.87 -12.52 -23.51
N SER D 110 30.40 -13.68 -23.94
CA SER D 110 29.17 -14.27 -23.40
C SER D 110 29.54 -15.13 -22.18
N VAL D 111 28.59 -15.36 -21.27
CA VAL D 111 28.82 -16.15 -20.06
C VAL D 111 28.22 -17.55 -20.26
N PRO D 112 29.03 -18.64 -20.18
CA PRO D 112 28.45 -19.97 -20.35
C PRO D 112 27.75 -20.46 -19.07
N ILE D 113 26.49 -20.92 -19.18
CA ILE D 113 25.71 -21.46 -18.06
C ILE D 113 25.61 -22.94 -18.37
N ARG D 114 26.23 -23.77 -17.51
CA ARG D 114 26.35 -25.22 -17.74
C ARG D 114 25.91 -26.02 -16.53
N LYS D 115 25.28 -27.17 -16.76
CA LYS D 115 24.70 -28.05 -15.74
C LYS D 115 25.67 -28.46 -14.60
N GLY D 116 26.91 -28.78 -14.91
CA GLY D 116 27.86 -29.20 -13.89
C GLY D 116 28.56 -28.12 -13.10
N THR D 117 28.33 -26.84 -13.44
CA THR D 117 29.04 -25.70 -12.82
C THR D 117 28.05 -24.77 -12.09
N SER D 118 28.29 -24.53 -10.77
CA SER D 118 27.50 -23.69 -9.88
C SER D 118 27.51 -22.21 -10.33
N ILE D 119 26.36 -21.54 -10.27
CA ILE D 119 26.21 -20.17 -10.79
C ILE D 119 26.15 -19.09 -9.72
N ALA D 120 25.87 -19.50 -8.50
CA ALA D 120 25.69 -18.60 -7.39
C ALA D 120 25.64 -19.49 -6.14
N GLN D 121 25.53 -18.89 -4.95
CA GLN D 121 25.46 -19.67 -3.72
C GLN D 121 24.40 -19.08 -2.79
N LEU D 122 23.87 -19.86 -1.88
CA LEU D 122 22.82 -19.48 -0.98
C LEU D 122 23.23 -19.64 0.47
N ILE D 123 23.10 -18.55 1.25
CA ILE D 123 23.43 -18.50 2.67
C ILE D 123 22.15 -18.38 3.46
N PHE D 124 22.07 -19.05 4.62
CA PHE D 124 20.96 -18.91 5.56
C PHE D 124 21.38 -17.90 6.61
N LEU D 125 20.99 -16.64 6.41
CA LEU D 125 21.39 -15.57 7.31
C LEU D 125 20.39 -15.36 8.42
N ARG D 126 20.87 -15.00 9.62
CA ARG D 126 19.97 -14.71 10.72
C ARG D 126 19.51 -13.27 10.58
N TYR D 127 18.18 -13.05 10.67
CA TYR D 127 17.61 -11.71 10.57
C TYR D 127 16.59 -11.51 11.68
N CYS D 128 16.18 -10.24 11.90
CA CYS D 128 15.12 -9.97 12.84
C CYS D 128 13.79 -9.86 12.12
N ASP D 129 12.83 -10.72 12.51
CA ASP D 129 11.46 -10.71 12.01
C ASP D 129 10.77 -9.79 13.02
N VAL D 130 10.69 -8.52 12.71
CA VAL D 130 10.15 -7.47 13.58
C VAL D 130 8.74 -7.78 14.06
N GLU D 131 8.55 -7.72 15.40
CA GLU D 131 7.27 -8.02 16.04
C GLU D 131 6.53 -6.73 16.37
N GLU D 132 7.27 -5.66 16.73
CA GLU D 132 6.67 -4.37 17.12
C GLU D 132 7.38 -3.23 16.44
N GLU D 133 6.63 -2.24 15.96
CA GLU D 133 7.26 -1.10 15.32
C GLU D 133 6.56 0.18 15.62
N GLN D 134 7.31 1.29 15.56
CA GLN D 134 6.76 2.64 15.73
C GLN D 134 7.33 3.54 14.67
N ILE D 135 6.56 4.54 14.27
CA ILE D 135 7.04 5.61 13.41
C ILE D 135 6.89 6.84 14.27
N VAL D 136 7.99 7.59 14.43
CA VAL D 136 8.00 8.80 15.22
C VAL D 136 8.47 9.97 14.40
N TYR D 137 8.03 11.16 14.79
CA TYR D 137 8.50 12.40 14.22
C TYR D 137 9.28 13.12 15.33
N ILE D 138 10.52 13.46 15.05
CA ILE D 138 11.37 14.16 16.02
C ILE D 138 11.57 15.60 15.58
N ASN D 139 11.01 16.54 16.33
CA ASN D 139 11.11 17.96 16.01
C ASN D 139 12.49 18.46 16.39
N GLU D 140 13.35 18.77 15.41
CA GLU D 140 14.74 19.21 15.65
C GLU D 140 14.87 20.51 16.46
N THR D 141 13.87 21.40 16.37
CA THR D 141 13.88 22.68 17.09
C THR D 141 13.44 22.56 18.57
N THR D 142 12.44 21.69 18.84
CA THR D 142 11.88 21.51 20.18
C THR D 142 12.37 20.24 20.89
N GLY D 143 12.66 19.21 20.13
CA GLY D 143 13.06 17.91 20.66
C GLY D 143 11.87 16.99 20.90
N GLU D 144 10.66 17.54 20.68
CA GLU D 144 9.41 16.82 20.86
C GLU D 144 9.29 15.61 19.95
N ARG D 145 8.96 14.46 20.54
CA ARG D 145 8.75 13.21 19.82
C ARG D 145 7.26 12.95 19.73
N THR D 146 6.76 12.87 18.51
CA THR D 146 5.36 12.60 18.23
C THR D 146 5.31 11.19 17.61
N ILE D 147 4.53 10.29 18.23
CA ILE D 147 4.32 8.94 17.70
C ILE D 147 3.30 9.09 16.55
N ILE D 148 3.73 8.78 15.33
CA ILE D 148 2.89 8.85 14.13
C ILE D 148 2.04 7.60 14.05
N ASP D 149 2.67 6.44 14.32
CA ASP D 149 1.97 5.18 14.22
C ASP D 149 2.76 4.16 15.01
N SER D 150 2.09 3.07 15.37
CA SER D 150 2.67 1.94 16.04
C SER D 150 1.86 0.71 15.66
N SER D 151 2.55 -0.40 15.35
CA SER D 151 1.87 -1.62 14.98
C SER D 151 2.62 -2.85 15.41
N SER D 152 1.91 -3.96 15.50
CA SER D 152 2.46 -5.28 15.80
C SER D 152 2.50 -6.04 14.47
N LYS D 153 3.25 -7.15 14.43
CA LYS D 153 3.32 -7.93 13.19
C LYS D 153 1.91 -8.38 12.74
N LYS D 154 1.05 -8.84 13.66
CA LYS D 154 -0.30 -9.35 13.38
C LYS D 154 -1.25 -8.30 12.82
N ASP D 155 -0.92 -7.01 12.94
CA ASP D 155 -1.73 -5.92 12.36
C ASP D 155 -1.68 -5.92 10.82
N ASN D 156 -0.65 -6.56 10.23
CA ASN D 156 -0.48 -6.67 8.75
C ASN D 156 -0.56 -5.28 8.13
N LYS D 157 0.19 -4.35 8.74
CA LYS D 157 0.17 -2.96 8.34
C LYS D 157 0.64 -2.81 6.90
N ASN D 158 -0.10 -2.01 6.08
CA ASN D 158 0.26 -1.70 4.69
C ASN D 158 0.75 -2.91 3.90
N GLN D 159 0.08 -4.06 4.03
CA GLN D 159 0.53 -5.26 3.26
C GLN D 159 -0.05 -5.30 1.89
N ALA D 160 0.69 -5.93 0.98
CA ALA D 160 0.26 -6.06 -0.41
C ALA D 160 -0.80 -7.17 -0.55
N ARG D 161 -0.58 -8.32 0.12
CA ARG D 161 -1.52 -9.46 0.10
C ARG D 161 -1.21 -10.37 1.25
N SER D 162 -2.17 -11.25 1.62
CA SER D 162 -2.01 -12.20 2.73
C SER D 162 -1.11 -13.39 2.46
N VAL D 163 -1.07 -13.89 1.22
CA VAL D 163 -0.30 -15.11 0.94
C VAL D 163 0.65 -14.86 -0.22
N ARG D 164 1.97 -14.95 0.03
CA ARG D 164 2.97 -14.77 -1.04
C ARG D 164 2.82 -15.83 -2.12
N GLY D 165 2.68 -17.11 -1.69
CA GLY D 165 2.56 -18.23 -2.61
C GLY D 165 3.84 -18.37 -3.40
N THR D 166 3.71 -18.52 -4.72
CA THR D 166 4.86 -18.68 -5.63
C THR D 166 5.23 -17.34 -6.30
N GLY D 167 4.56 -16.27 -5.86
CA GLY D 167 4.78 -14.93 -6.38
C GLY D 167 6.10 -14.32 -5.95
N GLY D 168 6.83 -13.81 -6.93
CA GLY D 168 8.11 -13.15 -6.77
C GLY D 168 8.38 -12.14 -7.87
N PHE D 169 9.58 -11.57 -7.88
CA PHE D 169 10.03 -10.63 -8.94
C PHE D 169 9.04 -9.48 -9.18
N GLY D 170 8.78 -8.70 -8.13
CA GLY D 170 7.89 -7.55 -8.27
C GLY D 170 6.43 -7.93 -8.25
N SER D 171 6.08 -9.15 -7.74
CA SER D 171 4.67 -9.59 -7.65
C SER D 171 3.82 -8.61 -6.77
N THR D 172 4.50 -7.79 -5.92
CA THR D 172 3.78 -6.82 -5.04
C THR D 172 3.75 -5.43 -5.65
N ASP D 173 4.29 -5.28 -6.87
CA ASP D 173 4.27 -3.96 -7.52
C ASP D 173 3.01 -3.91 -8.39
N ASN D 174 2.55 -2.70 -8.72
CA ASN D 174 1.39 -2.53 -9.62
C ASN D 174 1.82 -2.39 -11.08
N SER E 6 12.15 -4.90 23.11
CA SER E 6 13.25 -4.26 22.38
C SER E 6 13.98 -5.21 21.40
N SER E 7 14.13 -6.48 21.78
CA SER E 7 14.75 -7.57 21.03
C SER E 7 14.17 -7.78 19.61
N ALA E 8 12.86 -7.46 19.40
CA ALA E 8 12.27 -7.62 18.08
C ALA E 8 11.42 -6.39 17.75
N SER E 9 11.92 -5.20 18.13
CA SER E 9 11.22 -3.97 17.84
C SER E 9 12.09 -2.95 17.11
N VAL E 10 11.44 -2.12 16.27
CA VAL E 10 12.11 -1.08 15.52
C VAL E 10 11.38 0.25 15.64
N VAL E 11 12.11 1.35 15.65
CA VAL E 11 11.47 2.66 15.61
C VAL E 11 12.00 3.36 14.36
N PHE E 12 11.10 3.72 13.43
CA PHE E 12 11.47 4.50 12.26
C PHE E 12 11.20 5.96 12.61
N MET E 13 12.06 6.88 12.13
CA MET E 13 11.83 8.30 12.27
C MET E 13 11.43 8.91 10.90
N ARG E 14 10.32 9.63 10.88
CA ARG E 14 9.80 10.27 9.68
C ARG E 14 10.40 11.68 9.65
N PHE E 15 11.00 12.07 8.53
CA PHE E 15 11.61 13.38 8.42
C PHE E 15 10.62 14.50 8.14
N ALA E 16 9.53 14.25 7.38
CA ALA E 16 8.53 15.32 7.16
C ALA E 16 7.63 15.56 8.41
N PRO E 17 7.32 16.82 8.76
CA PRO E 17 6.44 17.07 9.92
C PRO E 17 5.08 16.39 9.79
N PRO E 18 4.36 16.03 10.90
CA PRO E 18 3.03 15.39 10.74
C PRO E 18 2.07 16.27 9.95
N GLY E 19 1.24 15.67 9.12
CA GLY E 19 0.30 16.43 8.30
C GLY E 19 0.85 16.87 6.95
N GLU E 20 2.19 17.02 6.86
CA GLU E 20 2.86 17.36 5.61
C GLU E 20 2.94 16.09 4.75
N GLU E 21 3.04 16.26 3.40
CA GLU E 21 3.20 15.14 2.47
C GLU E 21 4.50 14.41 2.79
N THR E 22 4.52 13.08 2.59
CA THR E 22 5.68 12.27 2.91
C THR E 22 5.72 11.06 1.97
N ALA E 23 6.91 10.43 1.81
CA ALA E 23 7.02 9.20 1.07
C ALA E 23 6.13 8.18 1.81
N LEU E 24 5.68 7.17 1.11
CA LEU E 24 4.92 6.07 1.75
C LEU E 24 5.83 5.42 2.79
N PRO E 25 5.29 4.99 3.95
CA PRO E 25 6.19 4.44 4.98
C PRO E 25 6.78 3.07 4.60
N PRO E 26 7.87 2.68 5.26
CA PRO E 26 8.43 1.32 5.01
C PRO E 26 7.38 0.29 5.38
N ARG E 27 7.19 -0.70 4.54
CA ARG E 27 6.17 -1.72 4.79
C ARG E 27 6.65 -3.13 4.45
N ARG E 28 6.15 -4.14 5.18
CA ARG E 28 6.46 -5.53 4.82
C ARG E 28 5.29 -5.97 3.93
N ALA E 29 5.59 -6.43 2.71
CA ALA E 29 4.57 -6.72 1.71
C ALA E 29 3.66 -7.92 2.01
N THR E 30 4.21 -8.98 2.61
CA THR E 30 3.43 -10.21 2.97
C THR E 30 3.81 -10.68 4.37
N PRO E 31 3.03 -11.53 5.07
CA PRO E 31 3.39 -11.87 6.47
C PRO E 31 4.78 -12.50 6.66
N GLY E 32 5.31 -13.14 5.63
CA GLY E 32 6.63 -13.78 5.70
C GLY E 32 7.71 -13.00 5.00
N SER E 33 7.41 -11.80 4.51
CA SER E 33 8.41 -10.91 3.90
C SER E 33 9.48 -10.58 4.92
N VAL E 34 10.75 -10.67 4.52
CA VAL E 34 11.87 -10.49 5.48
C VAL E 34 12.36 -9.07 5.58
N ALA E 35 11.92 -8.23 4.63
CA ALA E 35 12.42 -6.86 4.59
C ALA E 35 11.32 -5.85 4.44
N TYR E 36 11.63 -4.57 4.74
CA TYR E 36 10.66 -3.47 4.60
C TYR E 36 10.90 -2.80 3.27
N ASP E 37 9.83 -2.62 2.49
CA ASP E 37 9.93 -1.91 1.22
C ASP E 37 10.14 -0.43 1.46
N LEU E 38 11.11 0.16 0.78
CA LEU E 38 11.42 1.58 0.88
C LEU E 38 10.82 2.30 -0.34
N PHE E 39 10.26 3.47 -0.13
CA PHE E 39 9.59 4.23 -1.19
C PHE E 39 10.25 5.59 -1.40
N PRO E 40 10.11 6.23 -2.58
CA PRO E 40 10.80 7.51 -2.75
C PRO E 40 9.97 8.71 -2.36
N SER E 41 10.66 9.74 -1.82
CA SER E 41 10.02 11.00 -1.44
C SER E 41 9.65 11.79 -2.68
N GLU E 42 10.52 11.77 -3.71
CA GLU E 42 10.30 12.52 -4.96
C GLU E 42 10.51 11.64 -6.15
N GLU E 43 9.84 11.96 -7.25
CA GLU E 43 9.93 11.22 -8.50
C GLU E 43 11.08 11.70 -9.34
N MET E 44 11.63 10.82 -10.17
CA MET E 44 12.74 11.12 -11.09
C MET E 44 12.84 10.00 -12.13
N ASP E 45 13.68 10.18 -13.13
CA ASP E 45 13.98 9.19 -14.16
C ASP E 45 15.47 9.04 -14.18
N ILE E 46 15.97 7.83 -13.89
CA ILE E 46 17.43 7.60 -13.90
C ILE E 46 17.83 7.40 -15.32
N GLU E 47 18.68 8.28 -15.83
CA GLU E 47 19.19 8.22 -17.19
C GLU E 47 19.94 6.91 -17.47
N PRO E 48 20.03 6.46 -18.75
CA PRO E 48 20.83 5.24 -19.05
C PRO E 48 22.26 5.32 -18.47
N MET E 49 22.74 4.19 -17.89
CA MET E 49 24.04 4.05 -17.23
C MET E 49 24.20 4.97 -16.00
N GLY E 50 23.11 5.60 -15.54
CA GLY E 50 23.09 6.51 -14.41
C GLY E 50 23.14 5.87 -13.04
N LEU E 51 23.48 6.69 -12.06
CA LEU E 51 23.55 6.31 -10.65
C LEU E 51 22.77 7.37 -9.86
N ALA E 52 21.80 6.96 -9.08
CA ALA E 52 20.98 7.91 -8.33
C ALA E 52 21.05 7.67 -6.81
N LYS E 53 20.91 8.74 -6.04
CA LYS E 53 20.84 8.73 -4.57
C LYS E 53 19.46 9.26 -4.26
N ILE E 54 18.56 8.37 -3.88
CA ILE E 54 17.15 8.69 -3.69
C ILE E 54 16.73 8.76 -2.24
N SER E 55 16.12 9.90 -1.80
CA SER E 55 15.63 10.03 -0.42
C SER E 55 14.39 9.17 -0.22
N THR E 56 14.29 8.48 0.94
CA THR E 56 13.16 7.63 1.29
C THR E 56 12.17 8.29 2.31
N GLY E 57 12.57 9.40 2.89
CA GLY E 57 11.77 10.12 3.88
C GLY E 57 11.83 9.59 5.31
N TYR E 58 12.57 8.47 5.51
CA TYR E 58 12.67 7.87 6.85
C TYR E 58 14.10 7.53 7.26
N GLY E 59 14.31 7.51 8.56
CA GLY E 59 15.57 7.10 9.18
C GLY E 59 15.24 6.03 10.19
N ILE E 60 16.24 5.51 10.89
CA ILE E 60 16.03 4.50 11.92
C ILE E 60 16.38 5.13 13.26
N ASP E 61 15.36 5.34 14.11
CA ASP E 61 15.59 5.89 15.44
C ASP E 61 16.14 4.79 16.36
N LYS E 62 15.61 3.56 16.25
CA LYS E 62 16.04 2.46 17.12
C LYS E 62 16.06 1.16 16.32
N PHE E 63 17.17 0.45 16.38
CA PHE E 63 17.38 -0.83 15.68
C PHE E 63 17.01 -1.97 16.60
N PRO E 64 16.55 -3.13 16.06
CA PRO E 64 16.32 -4.31 16.93
C PRO E 64 17.67 -4.74 17.54
N ASP E 65 17.67 -5.29 18.76
CA ASP E 65 18.90 -5.69 19.45
C ASP E 65 19.78 -6.62 18.62
N GLY E 66 21.08 -6.31 18.58
CA GLY E 66 22.08 -7.07 17.84
C GLY E 66 21.95 -7.05 16.33
N CYS E 67 21.16 -6.10 15.79
CA CYS E 67 20.93 -5.93 14.35
C CYS E 67 21.39 -4.59 13.85
N TYR E 68 21.66 -4.53 12.54
CA TYR E 68 21.93 -3.30 11.81
C TYR E 68 20.99 -3.33 10.59
N GLY E 69 20.95 -2.25 9.83
CA GLY E 69 20.10 -2.19 8.65
C GLY E 69 20.89 -2.33 7.38
N GLN E 70 20.48 -3.27 6.50
CA GLN E 70 21.09 -3.45 5.20
C GLN E 70 20.07 -3.16 4.12
N ILE E 71 20.35 -2.16 3.26
CA ILE E 71 19.49 -1.86 2.10
C ILE E 71 19.96 -2.80 0.99
N VAL E 72 19.02 -3.58 0.40
CA VAL E 72 19.29 -4.54 -0.67
C VAL E 72 18.29 -4.31 -1.79
N SER E 73 18.60 -4.81 -2.96
CA SER E 73 17.73 -4.62 -4.11
C SER E 73 16.47 -5.49 -4.01
N ARG E 74 15.37 -5.02 -4.62
CA ARG E 74 14.14 -5.81 -4.81
C ARG E 74 14.34 -6.54 -6.16
N SER E 75 13.84 -7.77 -6.30
CA SER E 75 14.02 -8.56 -7.50
C SER E 75 13.26 -8.02 -8.71
N GLY E 76 12.10 -7.41 -8.49
CA GLY E 76 11.32 -6.83 -9.57
C GLY E 76 12.02 -5.65 -10.21
N MET E 77 12.45 -4.69 -9.39
CA MET E 77 13.22 -3.50 -9.78
C MET E 77 14.54 -3.90 -10.48
N THR E 78 15.23 -4.92 -9.97
CA THR E 78 16.46 -5.44 -10.57
C THR E 78 16.23 -6.01 -11.96
N TRP E 79 15.31 -6.96 -12.08
CA TRP E 79 15.01 -7.70 -13.30
C TRP E 79 14.22 -6.92 -14.34
N LYS E 80 13.11 -6.29 -13.93
CA LYS E 80 12.28 -5.55 -14.88
C LYS E 80 12.95 -4.26 -15.37
N ASN E 81 13.73 -3.59 -14.51
CA ASN E 81 14.34 -2.30 -14.86
C ASN E 81 15.85 -2.34 -15.07
N ASN E 82 16.48 -3.54 -15.02
CA ASN E 82 17.93 -3.67 -15.26
C ASN E 82 18.77 -2.78 -14.34
N THR E 83 18.54 -2.93 -13.02
CA THR E 83 19.20 -2.12 -12.00
C THR E 83 19.97 -2.98 -11.01
N SER E 84 20.60 -2.32 -10.04
CA SER E 84 21.29 -2.89 -8.89
C SER E 84 21.28 -1.81 -7.80
N VAL E 85 21.46 -2.24 -6.54
CA VAL E 85 21.56 -1.36 -5.35
C VAL E 85 22.97 -1.69 -4.87
N PRO E 86 24.00 -0.98 -5.36
CA PRO E 86 25.38 -1.41 -5.10
C PRO E 86 25.96 -1.17 -3.69
N THR E 87 25.20 -0.56 -2.78
CA THR E 87 25.64 -0.28 -1.41
C THR E 87 24.41 -0.12 -0.55
N GLY E 88 24.54 -0.28 0.76
CA GLY E 88 23.37 -0.13 1.66
C GLY E 88 23.60 -0.47 3.11
N THR E 89 24.86 -0.36 3.61
CA THR E 89 25.19 -0.71 5.01
C THR E 89 24.89 0.47 5.97
N ILE E 90 23.90 0.33 6.85
CA ILE E 90 23.51 1.40 7.77
C ILE E 90 24.07 1.08 9.16
N ASP E 91 24.99 1.92 9.65
CA ASP E 91 25.57 1.75 10.97
C ASP E 91 24.54 2.02 12.06
N VAL E 92 24.71 1.41 13.22
CA VAL E 92 23.76 1.51 14.33
C VAL E 92 23.73 2.91 14.98
N ASP E 93 24.72 3.77 14.72
CA ASP E 93 24.70 5.14 15.25
C ASP E 93 24.10 6.13 14.21
N TYR E 94 23.70 5.64 13.02
CA TYR E 94 23.19 6.56 12.00
C TYR E 94 21.81 7.12 12.32
N ARG E 95 21.77 8.44 12.29
CA ARG E 95 20.63 9.27 12.63
C ARG E 95 20.03 9.96 11.45
N GLY E 96 20.65 9.84 10.29
CA GLY E 96 20.14 10.52 9.11
C GLY E 96 19.04 9.75 8.39
N GLU E 97 18.58 10.37 7.30
CA GLU E 97 17.55 9.82 6.46
C GLU E 97 18.17 8.79 5.53
N LEU E 98 17.51 7.64 5.38
CA LEU E 98 17.97 6.57 4.51
C LEU E 98 17.87 7.03 3.07
N LYS E 99 18.93 6.84 2.33
CA LYS E 99 18.94 7.17 0.91
C LYS E 99 19.28 5.91 0.13
N VAL E 100 18.55 5.65 -0.96
CA VAL E 100 18.80 4.45 -1.77
C VAL E 100 19.73 4.81 -2.92
N ILE E 101 20.77 4.00 -3.13
CA ILE E 101 21.71 4.15 -4.24
C ILE E 101 21.30 3.14 -5.29
N LEU E 102 20.80 3.60 -6.41
CA LEU E 102 20.30 2.75 -7.46
C LEU E 102 21.05 3.01 -8.75
N ARG E 103 21.61 1.92 -9.36
CA ARG E 103 22.36 2.01 -10.61
C ARG E 103 21.48 1.49 -11.74
N ASN E 104 21.46 2.19 -12.88
CA ASN E 104 20.78 1.78 -14.09
C ASN E 104 21.85 1.17 -15.00
N HIS E 105 21.70 -0.12 -15.35
CA HIS E 105 22.68 -0.83 -16.21
C HIS E 105 22.27 -0.81 -17.67
N SER E 106 21.11 -0.22 -17.99
CA SER E 106 20.63 -0.15 -19.37
C SER E 106 21.33 0.98 -20.13
N ALA E 107 21.70 0.72 -21.39
CA ALA E 107 22.38 1.70 -22.23
C ALA E 107 21.39 2.58 -22.98
N GLU E 108 20.12 2.16 -23.06
CA GLU E 108 19.09 2.88 -23.82
C GLU E 108 17.87 3.35 -23.04
N LYS E 109 17.53 2.67 -21.94
CA LYS E 109 16.32 2.97 -21.18
C LYS E 109 16.56 3.66 -19.85
N SER E 110 15.69 4.62 -19.53
CA SER E 110 15.73 5.30 -18.25
C SER E 110 14.90 4.51 -17.23
N VAL E 111 15.20 4.66 -15.93
CA VAL E 111 14.49 3.97 -14.87
C VAL E 111 13.47 4.93 -14.23
N PRO E 112 12.16 4.61 -14.24
CA PRO E 112 11.21 5.52 -13.60
C PRO E 112 11.19 5.34 -12.07
N ILE E 113 11.31 6.43 -11.32
CA ILE E 113 11.26 6.44 -9.85
C ILE E 113 9.97 7.14 -9.50
N ARG E 114 9.03 6.39 -8.91
CA ARG E 114 7.67 6.87 -8.67
C ARG E 114 7.26 6.64 -7.24
N LYS E 115 6.49 7.60 -6.68
CA LYS E 115 6.04 7.60 -5.29
C LYS E 115 5.30 6.33 -4.83
N GLY E 116 4.45 5.75 -5.68
CA GLY E 116 3.70 4.57 -5.31
C GLY E 116 4.41 3.23 -5.44
N THR E 117 5.66 3.21 -5.97
CA THR E 117 6.41 1.95 -6.20
C THR E 117 7.70 1.91 -5.41
N SER E 118 7.89 0.85 -4.61
CA SER E 118 9.07 0.67 -3.78
C SER E 118 10.32 0.42 -4.63
N ILE E 119 11.46 1.06 -4.26
CA ILE E 119 12.72 1.09 -5.03
C ILE E 119 13.79 0.15 -4.51
N ALA E 120 13.66 -0.30 -3.26
CA ALA E 120 14.62 -1.18 -2.62
C ALA E 120 13.98 -1.69 -1.32
N GLN E 121 14.70 -2.50 -0.56
CA GLN E 121 14.16 -3.05 0.67
C GLN E 121 15.23 -3.03 1.78
N LEU E 122 14.78 -2.91 3.01
CA LEU E 122 15.63 -2.82 4.19
C LEU E 122 15.45 -4.05 5.07
N ILE E 123 16.55 -4.74 5.34
CA ILE E 123 16.55 -5.93 6.18
C ILE E 123 17.35 -5.68 7.45
N PHE E 124 16.85 -6.19 8.58
CA PHE E 124 17.52 -6.07 9.87
C PHE E 124 18.31 -7.33 10.06
N LEU E 125 19.60 -7.29 9.73
CA LEU E 125 20.47 -8.44 9.84
C LEU E 125 21.16 -8.52 11.19
N ARG E 126 21.33 -9.75 11.70
CA ARG E 126 22.06 -9.95 12.95
C ARG E 126 23.56 -9.96 12.62
N TYR E 127 24.34 -9.19 13.37
CA TYR E 127 25.79 -9.12 13.17
C TYR E 127 26.49 -9.22 14.51
N CYS E 128 27.80 -9.46 14.49
CA CYS E 128 28.55 -9.46 15.74
C CYS E 128 29.25 -8.14 15.90
N ASP E 129 28.94 -7.45 17.01
CA ASP E 129 29.56 -6.22 17.42
C ASP E 129 30.79 -6.69 18.24
N VAL E 130 31.92 -6.84 17.55
CA VAL E 130 33.17 -7.36 18.13
C VAL E 130 33.62 -6.50 19.31
N GLU E 131 33.99 -7.14 20.42
CA GLU E 131 34.47 -6.52 21.63
C GLU E 131 35.96 -6.69 21.80
N GLU E 132 36.54 -7.77 21.26
CA GLU E 132 37.97 -8.06 21.37
C GLU E 132 38.54 -8.40 20.00
N GLU E 133 39.67 -7.79 19.66
CA GLU E 133 40.30 -8.08 18.37
C GLU E 133 41.79 -8.13 18.52
N GLN E 134 42.44 -8.98 17.71
CA GLN E 134 43.89 -9.11 17.71
C GLN E 134 44.37 -9.19 16.29
N ILE E 135 45.58 -8.69 16.04
CA ILE E 135 46.30 -8.85 14.79
C ILE E 135 47.51 -9.70 15.14
N VAL E 136 47.65 -10.85 14.46
CA VAL E 136 48.77 -11.76 14.70
C VAL E 136 49.57 -12.00 13.41
N TYR E 137 50.84 -12.34 13.57
CA TYR E 137 51.70 -12.76 12.48
C TYR E 137 52.01 -14.22 12.73
N ILE E 138 51.68 -15.07 11.75
CA ILE E 138 51.91 -16.50 11.87
C ILE E 138 53.03 -16.90 10.92
N ASN E 139 54.15 -17.38 11.50
CA ASN E 139 55.29 -17.82 10.72
C ASN E 139 54.88 -19.07 9.99
N GLU E 140 54.99 -19.04 8.67
CA GLU E 140 54.62 -20.14 7.77
C GLU E 140 55.47 -21.39 7.93
N THR E 141 56.77 -21.21 8.25
CA THR E 141 57.68 -22.35 8.36
C THR E 141 57.65 -23.00 9.74
N THR E 142 57.64 -22.19 10.82
CA THR E 142 57.70 -22.68 12.20
C THR E 142 56.36 -22.79 12.91
N GLY E 143 55.39 -21.97 12.54
CA GLY E 143 54.09 -21.97 13.18
C GLY E 143 54.05 -21.03 14.37
N GLU E 144 55.18 -20.32 14.63
CA GLU E 144 55.30 -19.34 15.71
C GLU E 144 54.32 -18.15 15.47
N ARG E 145 53.54 -17.80 16.51
CA ARG E 145 52.57 -16.71 16.49
C ARG E 145 53.10 -15.50 17.26
N THR E 146 53.04 -14.33 16.62
CA THR E 146 53.48 -13.05 17.17
C THR E 146 52.29 -12.06 17.19
N ILE E 147 51.84 -11.66 18.39
CA ILE E 147 50.74 -10.70 18.51
C ILE E 147 51.28 -9.34 18.10
N ILE E 148 50.73 -8.77 17.00
CA ILE E 148 51.14 -7.46 16.50
C ILE E 148 50.41 -6.37 17.30
N ASP E 149 49.11 -6.55 17.54
CA ASP E 149 48.30 -5.60 18.25
C ASP E 149 47.03 -6.29 18.73
N SER E 150 46.37 -5.66 19.70
CA SER E 150 45.12 -6.10 20.28
C SER E 150 44.37 -4.87 20.82
N SER E 151 43.04 -4.80 20.62
CA SER E 151 42.22 -3.71 21.13
C SER E 151 40.91 -4.23 21.64
N SER E 152 40.35 -3.55 22.63
CA SER E 152 39.09 -3.95 23.24
C SER E 152 38.08 -2.83 23.15
N LYS E 153 36.85 -3.21 22.83
CA LYS E 153 35.75 -2.26 22.76
C LYS E 153 34.95 -2.34 24.08
N LYS E 154 34.88 -1.20 24.78
CA LYS E 154 34.14 -1.02 26.03
C LYS E 154 33.23 0.20 25.87
N ASP E 155 32.04 0.17 26.50
CA ASP E 155 31.10 1.30 26.50
C ASP E 155 31.74 2.51 27.17
N ASN E 156 31.39 3.69 26.68
CA ASN E 156 31.85 5.01 27.14
C ASN E 156 31.40 5.27 28.60
N LYS E 157 32.35 5.58 29.52
CA LYS E 157 31.99 5.89 30.92
C LYS E 157 31.44 7.31 31.07
N ASN E 158 31.84 8.21 30.16
CA ASN E 158 31.38 9.60 30.23
C ASN E 158 30.62 9.98 28.99
N GLN E 159 29.63 10.86 29.18
CA GLN E 159 28.80 11.39 28.10
C GLN E 159 28.68 12.93 28.27
N ALA E 160 28.85 13.65 27.16
CA ALA E 160 28.70 15.11 27.08
C ALA E 160 27.51 15.38 26.16
N ARG E 161 26.63 16.31 26.55
CA ARG E 161 25.43 16.69 25.79
C ARG E 161 25.72 17.94 24.94
N SER F 6 35.33 -16.04 22.86
CA SER F 6 35.18 -16.35 21.44
C SER F 6 33.88 -15.80 20.81
N SER F 7 32.85 -15.55 21.66
CA SER F 7 31.55 -15.08 21.18
C SER F 7 31.60 -13.70 20.52
N ALA F 8 32.51 -12.79 20.95
CA ALA F 8 32.61 -11.46 20.36
C ALA F 8 34.05 -11.05 20.13
N SER F 9 34.85 -12.01 19.66
CA SER F 9 36.26 -11.75 19.39
C SER F 9 36.69 -12.23 18.00
N VAL F 10 37.65 -11.52 17.41
CA VAL F 10 38.18 -11.82 16.10
C VAL F 10 39.71 -11.80 16.12
N VAL F 11 40.34 -12.65 15.32
CA VAL F 11 41.77 -12.61 15.18
C VAL F 11 42.04 -12.45 13.69
N PHE F 12 42.70 -11.34 13.32
CA PHE F 12 43.15 -11.09 11.96
C PHE F 12 44.59 -11.60 11.85
N MET F 13 45.00 -12.06 10.67
CA MET F 13 46.38 -12.48 10.43
C MET F 13 47.02 -11.65 9.33
N ARG F 14 48.16 -11.05 9.66
CA ARG F 14 48.98 -10.23 8.78
C ARG F 14 49.87 -11.16 7.93
N PHE F 15 49.79 -11.03 6.60
CA PHE F 15 50.57 -11.91 5.72
C PHE F 15 52.03 -11.47 5.55
N ALA F 16 52.29 -10.16 5.58
CA ALA F 16 53.66 -9.67 5.42
C ALA F 16 54.49 -9.85 6.70
N PRO F 17 55.79 -10.25 6.57
CA PRO F 17 56.63 -10.40 7.77
C PRO F 17 56.72 -9.10 8.60
N PRO F 18 56.94 -9.15 9.94
CA PRO F 18 57.04 -7.89 10.71
C PRO F 18 58.19 -7.01 10.20
N GLY F 19 57.98 -5.69 10.15
CA GLY F 19 58.99 -4.78 9.65
C GLY F 19 58.81 -4.45 8.17
N GLU F 20 58.24 -5.40 7.40
CA GLU F 20 57.94 -5.22 5.98
C GLU F 20 56.72 -4.31 5.85
N GLU F 21 56.72 -3.45 4.83
CA GLU F 21 55.63 -2.49 4.57
C GLU F 21 54.42 -3.22 3.98
N THR F 22 53.23 -3.03 4.59
CA THR F 22 51.99 -3.70 4.16
C THR F 22 50.78 -2.72 4.16
N ALA F 23 49.55 -3.24 4.19
CA ALA F 23 48.35 -2.40 4.22
C ALA F 23 48.01 -1.99 5.64
N LEU F 24 47.22 -0.91 5.81
CA LEU F 24 46.72 -0.47 7.09
C LEU F 24 45.84 -1.63 7.65
N PRO F 25 45.90 -2.00 8.94
CA PRO F 25 45.09 -3.13 9.42
C PRO F 25 43.56 -2.93 9.37
N PRO F 26 42.75 -4.01 9.28
CA PRO F 26 41.28 -3.79 9.30
C PRO F 26 40.89 -3.08 10.62
N ARG F 27 40.15 -1.93 10.50
CA ARG F 27 39.72 -1.12 11.64
C ARG F 27 38.32 -0.56 11.49
N ARG F 28 37.58 -0.53 12.60
CA ARG F 28 36.23 0.05 12.67
C ARG F 28 36.41 1.56 12.86
N ALA F 29 35.81 2.36 11.97
CA ALA F 29 36.01 3.82 12.01
C ALA F 29 35.41 4.53 13.26
N THR F 30 34.20 4.15 13.70
CA THR F 30 33.52 4.80 14.83
C THR F 30 32.93 3.75 15.79
N PRO F 31 32.47 4.10 17.03
CA PRO F 31 31.92 3.07 17.94
C PRO F 31 30.60 2.41 17.47
N GLY F 32 29.90 3.04 16.53
CA GLY F 32 28.67 2.51 15.97
C GLY F 32 28.88 1.83 14.62
N SER F 33 30.13 1.87 14.11
CA SER F 33 30.48 1.20 12.84
C SER F 33 30.20 -0.31 12.96
N VAL F 34 29.47 -0.88 12.00
CA VAL F 34 29.14 -2.32 12.07
C VAL F 34 30.16 -3.18 11.35
N ALA F 35 31.03 -2.54 10.55
CA ALA F 35 32.02 -3.21 9.72
C ALA F 35 33.40 -2.63 9.84
N TYR F 36 34.39 -3.43 9.44
CA TYR F 36 35.82 -3.05 9.47
C TYR F 36 36.25 -2.48 8.14
N ASP F 37 36.83 -1.30 8.15
CA ASP F 37 37.37 -0.72 6.91
C ASP F 37 38.54 -1.59 6.41
N LEU F 38 38.57 -1.86 5.10
CA LEU F 38 39.67 -2.64 4.51
C LEU F 38 40.49 -1.75 3.62
N PHE F 39 41.82 -1.94 3.64
CA PHE F 39 42.78 -1.12 2.92
C PHE F 39 43.62 -1.94 1.92
N PRO F 40 44.07 -1.33 0.81
CA PRO F 40 44.91 -2.07 -0.14
C PRO F 40 46.40 -2.14 0.24
N SER F 41 47.09 -3.24 -0.13
CA SER F 41 48.54 -3.40 0.12
C SER F 41 49.32 -2.60 -0.91
N GLU F 42 48.81 -2.58 -2.15
CA GLU F 42 49.50 -1.88 -3.21
C GLU F 42 48.57 -0.95 -3.92
N GLU F 43 49.12 0.10 -4.52
CA GLU F 43 48.35 1.10 -5.22
C GLU F 43 48.18 0.72 -6.69
N MET F 44 47.08 1.15 -7.30
CA MET F 44 46.76 0.94 -8.71
C MET F 44 45.67 1.90 -9.14
N ASP F 45 45.38 1.93 -10.43
CA ASP F 45 44.27 2.71 -11.00
C ASP F 45 43.40 1.74 -11.80
N ILE F 46 42.13 1.57 -11.41
CA ILE F 46 41.23 0.66 -12.12
C ILE F 46 40.74 1.40 -13.34
N GLU F 47 41.07 0.90 -14.52
CA GLU F 47 40.67 1.53 -15.77
C GLU F 47 39.15 1.56 -15.94
N PRO F 48 38.60 2.44 -16.83
CA PRO F 48 37.14 2.48 -17.05
C PRO F 48 36.56 1.10 -17.41
N MET F 49 35.40 0.74 -16.83
CA MET F 49 34.71 -0.54 -17.02
C MET F 49 35.53 -1.77 -16.51
N GLY F 50 36.63 -1.50 -15.80
CA GLY F 50 37.52 -2.54 -15.28
C GLY F 50 37.07 -3.25 -14.02
N LEU F 51 37.74 -4.36 -13.73
CA LEU F 51 37.48 -5.21 -12.56
C LEU F 51 38.82 -5.54 -11.92
N ALA F 52 38.96 -5.26 -10.63
CA ALA F 52 40.23 -5.48 -9.93
C ALA F 52 40.09 -6.43 -8.75
N LYS F 53 41.14 -7.21 -8.45
CA LYS F 53 41.23 -8.13 -7.33
C LYS F 53 42.35 -7.54 -6.49
N ILE F 54 41.99 -6.88 -5.40
CA ILE F 54 42.94 -6.14 -4.56
C ILE F 54 43.27 -6.86 -3.26
N SER F 55 44.57 -7.14 -3.04
CA SER F 55 45.07 -7.80 -1.83
C SER F 55 44.97 -6.83 -0.64
N THR F 56 44.41 -7.29 0.51
CA THR F 56 44.22 -6.43 1.70
C THR F 56 45.34 -6.57 2.72
N GLY F 57 46.22 -7.55 2.53
CA GLY F 57 47.33 -7.83 3.44
C GLY F 57 46.97 -8.69 4.63
N TYR F 58 45.69 -9.00 4.82
CA TYR F 58 45.23 -9.73 5.99
C TYR F 58 44.27 -10.86 5.67
N GLY F 59 44.27 -11.87 6.54
CA GLY F 59 43.33 -12.98 6.53
C GLY F 59 42.60 -12.98 7.85
N ILE F 60 41.65 -13.87 8.03
CA ILE F 60 40.90 -14.00 9.30
C ILE F 60 41.32 -15.34 9.93
N ASP F 61 42.13 -15.30 11.01
CA ASP F 61 42.56 -16.49 11.72
C ASP F 61 41.40 -17.11 12.51
N LYS F 62 40.59 -16.28 13.18
CA LYS F 62 39.50 -16.73 14.02
C LYS F 62 38.31 -15.81 13.87
N PHE F 63 37.15 -16.40 13.56
CA PHE F 63 35.88 -15.70 13.37
C PHE F 63 35.14 -15.65 14.69
N PRO F 64 34.29 -14.62 14.91
CA PRO F 64 33.42 -14.64 16.12
C PRO F 64 32.45 -15.82 15.99
N ASP F 65 32.05 -16.44 17.11
CA ASP F 65 31.16 -17.63 17.11
C ASP F 65 29.91 -17.44 16.30
N GLY F 66 29.60 -18.41 15.44
CA GLY F 66 28.40 -18.41 14.59
C GLY F 66 28.36 -17.37 13.49
N CYS F 67 29.51 -16.75 13.18
CA CYS F 67 29.64 -15.70 12.17
C CYS F 67 30.57 -16.10 11.06
N TYR F 68 30.41 -15.44 9.93
CA TYR F 68 31.32 -15.54 8.79
C TYR F 68 31.63 -14.07 8.40
N GLY F 69 32.55 -13.86 7.48
CA GLY F 69 32.91 -12.52 7.03
C GLY F 69 32.29 -12.21 5.68
N GLN F 70 31.57 -11.08 5.57
CA GLN F 70 31.02 -10.60 4.32
C GLN F 70 31.68 -9.26 3.95
N ILE F 71 32.36 -9.22 2.78
CA ILE F 71 32.96 -7.99 2.26
C ILE F 71 31.84 -7.31 1.47
N VAL F 72 31.57 -6.04 1.82
CA VAL F 72 30.51 -5.25 1.20
C VAL F 72 31.11 -3.91 0.79
N SER F 73 30.43 -3.19 -0.10
CA SER F 73 30.93 -1.91 -0.57
C SER F 73 30.80 -0.80 0.46
N ARG F 74 31.62 0.24 0.31
CA ARG F 74 31.52 1.44 1.12
C ARG F 74 30.61 2.40 0.38
N SER F 75 29.86 3.23 1.08
CA SER F 75 28.98 4.16 0.38
C SER F 75 29.72 5.27 -0.39
N GLY F 76 30.83 5.74 0.18
CA GLY F 76 31.65 6.81 -0.41
C GLY F 76 32.30 6.34 -1.69
N MET F 77 33.06 5.25 -1.61
CA MET F 77 33.69 4.55 -2.73
C MET F 77 32.66 4.21 -3.84
N THR F 78 31.45 3.72 -3.47
CA THR F 78 30.38 3.39 -4.44
C THR F 78 29.90 4.63 -5.19
N TRP F 79 29.45 5.67 -4.44
CA TRP F 79 28.89 6.89 -4.97
C TRP F 79 29.89 7.83 -5.66
N LYS F 80 31.00 8.13 -4.98
CA LYS F 80 31.99 9.07 -5.52
C LYS F 80 32.80 8.49 -6.65
N ASN F 81 33.09 7.18 -6.60
CA ASN F 81 33.91 6.57 -7.65
C ASN F 81 33.15 5.68 -8.61
N ASN F 82 31.80 5.62 -8.52
CA ASN F 82 30.97 4.82 -9.42
C ASN F 82 31.42 3.35 -9.49
N THR F 83 31.52 2.72 -8.31
CA THR F 83 31.98 1.34 -8.18
C THR F 83 30.94 0.43 -7.54
N SER F 84 31.31 -0.85 -7.40
CA SER F 84 30.55 -1.89 -6.70
C SER F 84 31.57 -2.94 -6.26
N VAL F 85 31.21 -3.74 -5.25
CA VAL F 85 31.98 -4.85 -4.72
C VAL F 85 31.05 -6.05 -5.02
N PRO F 86 31.18 -6.65 -6.22
CA PRO F 86 30.19 -7.67 -6.64
C PRO F 86 30.26 -9.05 -5.96
N THR F 87 31.24 -9.30 -5.11
CA THR F 87 31.36 -10.57 -4.37
C THR F 87 32.09 -10.29 -3.07
N GLY F 88 31.95 -11.18 -2.08
CA GLY F 88 32.66 -10.98 -0.81
C GLY F 88 32.34 -11.96 0.30
N THR F 89 31.88 -13.17 -0.02
CA THR F 89 31.54 -14.19 0.97
C THR F 89 32.79 -14.96 1.42
N ILE F 90 33.20 -14.78 2.69
CA ILE F 90 34.39 -15.45 3.23
C ILE F 90 33.98 -16.66 4.07
N ASP F 91 34.36 -17.86 3.62
CA ASP F 91 34.09 -19.12 4.30
C ASP F 91 34.93 -19.23 5.58
N VAL F 92 34.39 -19.91 6.60
CA VAL F 92 35.03 -19.98 7.92
C VAL F 92 36.24 -20.93 7.92
N ASP F 93 36.49 -21.65 6.83
CA ASP F 93 37.69 -22.50 6.73
C ASP F 93 38.74 -21.84 5.81
N TYR F 94 38.47 -20.60 5.33
CA TYR F 94 39.42 -19.90 4.47
C TYR F 94 40.64 -19.41 5.25
N ARG F 95 41.81 -19.89 4.83
CA ARG F 95 43.09 -19.54 5.46
C ARG F 95 43.93 -18.58 4.63
N GLY F 96 43.40 -18.08 3.52
CA GLY F 96 44.14 -17.18 2.67
C GLY F 96 43.94 -15.72 3.02
N GLU F 97 44.53 -14.86 2.20
CA GLU F 97 44.44 -13.42 2.31
C GLU F 97 43.12 -12.94 1.71
N LEU F 98 42.43 -12.01 2.42
CA LEU F 98 41.19 -11.42 1.96
C LEU F 98 41.49 -10.54 0.74
N LYS F 99 40.79 -10.75 -0.38
CA LYS F 99 40.96 -9.94 -1.58
C LYS F 99 39.67 -9.21 -1.89
N VAL F 100 39.75 -7.93 -2.21
CA VAL F 100 38.56 -7.14 -2.53
C VAL F 100 38.40 -7.11 -4.04
N ILE F 101 37.18 -7.47 -4.51
CA ILE F 101 36.83 -7.42 -5.92
C ILE F 101 36.06 -6.13 -6.13
N LEU F 102 36.65 -5.22 -6.89
CA LEU F 102 36.07 -3.91 -7.11
C LEU F 102 35.86 -3.67 -8.60
N ARG F 103 34.61 -3.36 -8.99
CA ARG F 103 34.22 -3.06 -10.36
C ARG F 103 34.07 -1.57 -10.54
N ASN F 104 34.62 -1.03 -11.65
CA ASN F 104 34.50 0.36 -12.04
C ASN F 104 33.38 0.40 -13.09
N HIS F 105 32.30 1.14 -12.81
CA HIS F 105 31.15 1.26 -13.72
C HIS F 105 31.25 2.50 -14.61
N SER F 106 32.29 3.32 -14.42
CA SER F 106 32.49 4.53 -15.22
C SER F 106 33.08 4.21 -16.57
N ALA F 107 32.56 4.85 -17.61
CA ALA F 107 33.02 4.66 -18.99
C ALA F 107 34.22 5.56 -19.32
N GLU F 108 34.45 6.60 -18.50
CA GLU F 108 35.50 7.59 -18.77
C GLU F 108 36.56 7.74 -17.67
N LYS F 109 36.21 7.46 -16.40
CA LYS F 109 37.13 7.68 -15.28
C LYS F 109 37.72 6.43 -14.67
N SER F 110 39.03 6.49 -14.28
CA SER F 110 39.68 5.39 -13.55
C SER F 110 39.48 5.55 -12.04
N VAL F 111 39.53 4.44 -11.30
CA VAL F 111 39.34 4.44 -9.85
C VAL F 111 40.71 4.44 -9.18
N PRO F 112 41.08 5.44 -8.36
CA PRO F 112 42.38 5.41 -7.70
C PRO F 112 42.36 4.48 -6.48
N ILE F 113 43.30 3.54 -6.41
CA ILE F 113 43.44 2.62 -5.27
C ILE F 113 44.70 3.08 -4.56
N ARG F 114 44.56 3.56 -3.33
CA ARG F 114 45.65 4.18 -2.57
C ARG F 114 45.73 3.61 -1.17
N LYS F 115 46.94 3.49 -0.64
CA LYS F 115 47.23 2.88 0.64
C LYS F 115 46.47 3.46 1.86
N GLY F 116 46.30 4.77 1.92
CA GLY F 116 45.60 5.40 3.03
C GLY F 116 44.09 5.41 2.97
N THR F 117 43.47 4.95 1.85
CA THR F 117 42.03 5.02 1.64
C THR F 117 41.40 3.63 1.54
N SER F 118 40.36 3.41 2.38
CA SER F 118 39.59 2.18 2.46
C SER F 118 38.82 1.89 1.17
N ILE F 119 38.88 0.63 0.74
CA ILE F 119 38.28 0.16 -0.52
C ILE F 119 36.91 -0.54 -0.36
N ALA F 120 36.67 -1.14 0.82
CA ALA F 120 35.48 -1.91 1.16
C ALA F 120 35.46 -2.13 2.65
N GLN F 121 34.38 -2.77 3.14
CA GLN F 121 34.27 -3.04 4.56
C GLN F 121 33.92 -4.51 4.84
N LEU F 122 34.33 -5.01 6.00
CA LEU F 122 34.09 -6.39 6.38
C LEU F 122 33.08 -6.51 7.55
N ILE F 123 31.91 -7.10 7.33
CA ILE F 123 30.93 -7.31 8.40
C ILE F 123 30.98 -8.75 8.84
N PHE F 124 30.85 -8.97 10.15
CA PHE F 124 30.78 -10.31 10.71
C PHE F 124 29.30 -10.63 10.93
N LEU F 125 28.68 -11.31 9.95
CA LEU F 125 27.26 -11.67 9.96
C LEU F 125 26.99 -13.02 10.61
N ARG F 126 25.86 -13.13 11.31
CA ARG F 126 25.44 -14.40 11.91
C ARG F 126 24.73 -15.20 10.83
N TYR F 127 25.10 -16.46 10.71
CA TYR F 127 24.48 -17.34 9.71
C TYR F 127 24.18 -18.71 10.34
N CYS F 128 23.38 -19.51 9.65
CA CYS F 128 23.13 -20.86 10.16
C CYS F 128 24.05 -21.85 9.45
N ASP F 129 24.87 -22.55 10.22
CA ASP F 129 25.71 -23.63 9.74
C ASP F 129 24.78 -24.84 9.89
N VAL F 130 24.09 -25.19 8.80
CA VAL F 130 23.11 -26.27 8.73
C VAL F 130 23.70 -27.59 9.18
N GLU F 131 22.99 -28.29 10.08
CA GLU F 131 23.40 -29.56 10.64
C GLU F 131 22.68 -30.71 9.96
N GLU F 132 21.43 -30.48 9.53
CA GLU F 132 20.57 -31.51 8.92
C GLU F 132 19.85 -30.95 7.72
N GLU F 133 19.81 -31.70 6.64
CA GLU F 133 19.12 -31.25 5.43
C GLU F 133 18.36 -32.36 4.76
N GLN F 134 17.32 -32.00 4.02
CA GLN F 134 16.51 -32.95 3.23
C GLN F 134 16.23 -32.35 1.89
N ILE F 135 16.12 -33.20 0.85
CA ILE F 135 15.66 -32.80 -0.47
C ILE F 135 14.38 -33.61 -0.65
N VAL F 136 13.27 -32.93 -0.82
CA VAL F 136 11.95 -33.56 -0.96
C VAL F 136 11.30 -33.05 -2.24
N TYR F 137 10.70 -33.94 -3.04
CA TYR F 137 9.90 -33.54 -4.18
C TYR F 137 8.53 -33.29 -3.55
N ILE F 138 8.03 -32.09 -3.77
CA ILE F 138 6.73 -31.65 -3.28
C ILE F 138 5.92 -31.18 -4.48
N ASN F 139 4.68 -31.66 -4.63
CA ASN F 139 3.80 -31.07 -5.62
C ASN F 139 2.77 -30.33 -4.76
N GLU F 140 3.04 -29.04 -4.50
CA GLU F 140 2.25 -28.11 -3.68
C GLU F 140 0.74 -28.13 -4.00
N THR F 141 0.37 -28.28 -5.30
CA THR F 141 -1.02 -28.34 -5.80
C THR F 141 -1.78 -29.57 -5.24
N THR F 142 -1.13 -30.75 -5.23
CA THR F 142 -1.73 -32.02 -4.79
C THR F 142 -1.34 -32.45 -3.36
N GLY F 143 -0.17 -32.01 -2.90
CA GLY F 143 0.40 -32.37 -1.61
C GLY F 143 1.25 -33.62 -1.65
N GLU F 144 1.60 -34.08 -2.87
CA GLU F 144 2.45 -35.25 -3.08
C GLU F 144 3.85 -34.92 -2.53
N ARG F 145 4.36 -35.80 -1.68
CA ARG F 145 5.70 -35.64 -1.08
C ARG F 145 6.53 -36.91 -1.18
N THR F 146 7.79 -36.78 -1.64
CA THR F 146 8.74 -37.89 -1.77
C THR F 146 10.12 -37.43 -1.33
N ILE F 147 10.71 -38.04 -0.28
CA ILE F 147 12.07 -37.70 0.17
C ILE F 147 13.06 -38.24 -0.85
N ILE F 148 13.85 -37.35 -1.48
CA ILE F 148 14.88 -37.71 -2.47
C ILE F 148 16.16 -38.07 -1.70
N ASP F 149 16.52 -37.26 -0.71
CA ASP F 149 17.74 -37.47 0.06
C ASP F 149 17.64 -36.73 1.39
N SER F 150 18.48 -37.12 2.33
CA SER F 150 18.64 -36.50 3.62
C SER F 150 20.06 -36.73 4.11
N SER F 151 20.69 -35.69 4.68
CA SER F 151 22.05 -35.85 5.20
C SER F 151 22.32 -34.95 6.38
N SER F 152 23.34 -35.33 7.16
CA SER F 152 23.84 -34.59 8.32
C SER F 152 25.13 -33.91 7.89
N LYS F 153 25.56 -32.84 8.56
CA LYS F 153 26.78 -32.14 8.16
C LYS F 153 28.00 -33.09 8.08
N LYS F 154 28.11 -34.02 9.05
CA LYS F 154 29.17 -35.04 9.15
C LYS F 154 29.28 -35.96 7.89
N ASP F 155 28.17 -36.14 7.12
CA ASP F 155 28.09 -36.97 5.91
C ASP F 155 28.91 -36.42 4.72
N ASN F 156 29.21 -35.10 4.73
CA ASN F 156 29.96 -34.41 3.68
C ASN F 156 29.36 -34.69 2.30
N LYS F 157 28.00 -34.66 2.21
CA LYS F 157 27.22 -34.92 1.00
C LYS F 157 27.67 -34.00 -0.15
N ASN F 158 28.14 -34.60 -1.29
CA ASN F 158 28.62 -33.92 -2.51
C ASN F 158 29.73 -32.85 -2.26
N GLN F 159 30.62 -33.13 -1.28
CA GLN F 159 31.77 -32.30 -0.91
C GLN F 159 32.74 -32.24 -2.11
N ALA F 160 33.19 -31.00 -2.47
CA ALA F 160 34.17 -30.74 -3.53
C ALA F 160 35.55 -31.23 -3.10
N ARG F 161 35.99 -30.86 -1.88
CA ARG F 161 37.24 -31.29 -1.26
C ARG F 161 37.17 -31.18 0.27
N SER F 162 38.05 -31.92 0.96
CA SER F 162 38.12 -32.01 2.43
C SER F 162 38.66 -30.74 3.12
N VAL F 163 39.66 -30.09 2.52
CA VAL F 163 40.31 -28.93 3.14
C VAL F 163 40.32 -27.74 2.17
N ARG F 164 39.66 -26.60 2.55
CA ARG F 164 39.67 -25.40 1.71
C ARG F 164 41.09 -24.85 1.57
N GLY F 165 41.77 -24.69 2.70
CA GLY F 165 43.12 -24.12 2.74
C GLY F 165 43.07 -22.67 2.32
N THR F 166 43.96 -22.27 1.41
CA THR F 166 44.04 -20.89 0.88
C THR F 166 43.28 -20.77 -0.47
N GLY F 167 42.63 -21.87 -0.87
CA GLY F 167 41.89 -21.97 -2.12
C GLY F 167 40.62 -21.14 -2.12
N GLY F 168 40.48 -20.35 -3.18
CA GLY F 168 39.34 -19.48 -3.43
C GLY F 168 39.12 -19.22 -4.91
N PHE F 169 38.22 -18.30 -5.24
CA PHE F 169 37.89 -17.87 -6.58
C PHE F 169 37.62 -19.04 -7.56
N GLY F 170 36.60 -19.82 -7.24
CA GLY F 170 36.18 -20.94 -8.08
C GLY F 170 37.06 -22.15 -7.97
N SER F 171 37.84 -22.26 -6.86
CA SER F 171 38.74 -23.38 -6.57
C SER F 171 37.96 -24.73 -6.54
N THR F 172 36.61 -24.69 -6.34
CA THR F 172 35.79 -25.90 -6.29
C THR F 172 35.13 -26.13 -7.65
#